data_4A8H
#
_entry.id   4A8H
#
_cell.length_a   117.200
_cell.length_b   117.200
_cell.length_c   225.345
_cell.angle_alpha   90.00
_cell.angle_beta   90.00
_cell.angle_gamma   120.00
#
_symmetry.space_group_name_H-M   'P 63 2 2'
#
loop_
_entity.id
_entity.type
_entity.pdbx_description
1 polymer 'PUTRESCINE CARBAMOYLTRANSFERASE'
2 non-polymer N-(PHOSPHONOACETYL)-PUTRESCINE
3 non-polymer 2-AMINO-2-HYDROXYMETHYL-PROPANE-1,3-DIOL
4 non-polymer 'SULFATE ION'
5 non-polymer 1,2-ETHANEDIOL
6 non-polymer 'NICKEL (II) ION'
7 water water
#
_entity_poly.entity_id   1
_entity_poly.type   'polypeptide(L)'
_entity_poly.pdbx_seq_one_letter_code
;MKRDYVTTETYTKEEMHYLVDLSLKIKEAIKNGYYPQLLKNKSLGMIFQQSSTRTRVSFETAMEQLGGHGEYLAPGQIQL
GGHETIEDTSRVLSRLVDILMARVERHHSIVDLANCATIPVINGMSDYNHPTQELGDLCTMVEHLPEGKKLEDCKVVFVG
DATQVCFSLGLITTKMGMNFVHFGPEGFQLNEEHQAKLAKNCEVSGGSFLVTDDASSVEGADFLYTDVWYGLYEAELSEE
ERMKVFYPKYQVNQEMMDRAGANCKFMHCLPATRGEEVTDEVIDGKNSICFDEAENRLTSIRGLLVYLMNDYEAKNPYDL
IKQAEAKKELEVFLDTQSISAAKLAAALEHHHHHH
;
_entity_poly.pdbx_strand_id   A,B
#
# COMPACT_ATOMS: atom_id res chain seq x y z
N MET A 1 7.25 23.25 34.68
CA MET A 1 6.34 22.26 34.05
C MET A 1 7.10 21.46 32.99
N LYS A 2 6.48 20.38 32.53
CA LYS A 2 7.04 19.53 31.47
C LYS A 2 5.94 18.78 30.73
N ARG A 3 6.32 18.00 29.71
CA ARG A 3 5.41 17.07 29.08
C ARG A 3 6.07 15.70 28.95
N ASP A 4 5.27 14.65 29.05
CA ASP A 4 5.77 13.28 28.95
C ASP A 4 5.30 12.64 27.64
N TYR A 5 5.90 11.48 27.31
CA TYR A 5 5.44 10.64 26.21
C TYR A 5 5.30 9.22 26.74
N VAL A 6 4.17 9.00 27.42
CA VAL A 6 3.88 7.73 28.10
C VAL A 6 2.86 6.93 27.29
N THR A 7 1.89 7.64 26.71
CA THR A 7 0.89 7.06 25.82
C THR A 7 0.47 8.10 24.77
N THR A 8 0.17 7.65 23.56
CA THR A 8 -0.35 8.55 22.53
C THR A 8 -1.80 8.96 22.81
N GLU A 9 -2.39 8.37 23.84
CA GLU A 9 -3.71 8.80 24.33
C GLU A 9 -3.76 10.27 24.78
N THR A 10 -2.60 10.86 25.07
CA THR A 10 -2.52 12.28 25.45
C THR A 10 -2.09 13.17 24.26
N TYR A 11 -2.08 12.60 23.04
CA TYR A 11 -1.69 13.34 21.84
C TYR A 11 -2.78 13.31 20.76
N THR A 12 -3.06 14.49 20.19
CA THR A 12 -3.99 14.61 19.08
C THR A 12 -3.37 14.12 17.78
N LYS A 13 -4.21 13.86 16.77
CA LYS A 13 -3.74 13.57 15.42
C LYS A 13 -2.79 14.65 14.90
N GLU A 14 -3.13 15.91 15.11
CA GLU A 14 -2.33 17.03 14.62
C GLU A 14 -0.96 17.07 15.31
N GLU A 15 -0.91 16.65 16.56
CA GLU A 15 0.36 16.60 17.28
C GLU A 15 1.24 15.45 16.77
N MET A 16 0.64 14.30 16.51
CA MET A 16 1.39 13.18 15.99
C MET A 16 1.93 13.50 14.59
N HIS A 17 1.15 14.25 13.83
CA HIS A 17 1.57 14.71 12.51
C HIS A 17 2.84 15.57 12.61
N TYR A 18 2.86 16.51 13.54
CA TYR A 18 4.04 17.34 13.76
C TYR A 18 5.24 16.47 14.12
N LEU A 19 5.04 15.52 15.02
CA LEU A 19 6.14 14.65 15.46
C LEU A 19 6.68 13.83 14.27
N VAL A 20 5.79 13.38 13.40
CA VAL A 20 6.23 12.69 12.19
C VAL A 20 7.12 13.61 11.34
N ASP A 21 6.61 14.79 10.99
CA ASP A 21 7.37 15.70 10.13
C ASP A 21 8.70 16.12 10.75
N LEU A 22 8.70 16.43 12.05
CA LEU A 22 9.95 16.76 12.75
C LEU A 22 10.96 15.63 12.60
N SER A 23 10.52 14.41 12.92
CA SER A 23 11.36 13.23 12.82
C SER A 23 11.90 13.02 11.40
N LEU A 24 11.03 13.18 10.40
CA LEU A 24 11.44 12.96 9.02
C LEU A 24 12.47 14.01 8.55
N LYS A 25 12.31 15.26 8.99
CA LYS A 25 13.24 16.30 8.58
C LYS A 25 14.63 16.15 9.24
N ILE A 26 14.65 15.65 10.47
CA ILE A 26 15.91 15.34 11.15
C ILE A 26 16.59 14.16 10.43
N LYS A 27 15.80 13.15 10.05
CA LYS A 27 16.31 11.99 9.34
C LYS A 27 17.01 12.38 8.04
N GLU A 28 16.36 13.24 7.25
CA GLU A 28 16.89 13.63 5.94
C GLU A 28 18.22 14.38 6.09
N ALA A 29 18.33 15.18 7.15
CA ALA A 29 19.58 15.86 7.46
C ALA A 29 20.69 14.85 7.71
N ILE A 30 20.43 13.93 8.63
CA ILE A 30 21.43 12.95 9.06
C ILE A 30 21.77 11.95 7.95
N LYS A 31 20.77 11.52 7.20
CA LYS A 31 21.00 10.63 6.06
C LYS A 31 22.02 11.24 5.09
N ASN A 32 21.99 12.56 4.93
CA ASN A 32 22.89 13.26 4.02
C ASN A 32 24.11 13.90 4.71
N GLY A 33 24.34 13.53 5.97
CA GLY A 33 25.59 13.85 6.63
C GLY A 33 25.64 15.16 7.41
N TYR A 34 24.48 15.78 7.62
CA TYR A 34 24.39 16.91 8.55
C TYR A 34 23.74 16.45 9.85
N TYR A 35 24.51 16.59 10.93
CA TYR A 35 24.08 16.19 12.26
C TYR A 35 23.69 17.43 13.07
N PRO A 36 22.37 17.67 13.24
CA PRO A 36 21.95 18.89 13.94
C PRO A 36 22.20 18.80 15.44
N GLN A 37 22.98 19.75 15.97
CA GLN A 37 23.39 19.71 17.39
C GLN A 37 22.33 20.38 18.27
N LEU A 38 21.20 19.69 18.40
CA LEU A 38 20.02 20.23 19.06
C LEU A 38 19.95 19.92 20.55
N LEU A 39 20.79 19.01 21.03
CA LEU A 39 20.81 18.61 22.43
C LEU A 39 22.19 18.70 23.06
N LYS A 40 22.93 19.76 22.73
CA LYS A 40 24.32 19.91 23.18
C LYS A 40 24.46 19.76 24.69
N ASN A 41 25.31 18.84 25.12
CA ASN A 41 25.63 18.66 26.53
C ASN A 41 24.44 18.21 27.38
N LYS A 42 23.43 17.66 26.73
CA LYS A 42 22.26 17.18 27.46
C LYS A 42 22.44 15.70 27.79
N SER A 43 21.91 15.29 28.94
CA SER A 43 22.02 13.91 29.41
C SER A 43 20.67 13.22 29.48
N LEU A 44 20.61 12.00 28.95
CA LEU A 44 19.41 11.16 28.99
C LEU A 44 19.68 9.94 29.88
N GLY A 45 18.80 9.71 30.85
CA GLY A 45 18.84 8.50 31.67
C GLY A 45 17.96 7.45 31.01
N MET A 46 18.51 6.26 30.86
CA MET A 46 17.79 5.16 30.21
C MET A 46 17.66 4.00 31.17
N ILE A 47 16.48 3.81 31.77
CA ILE A 47 16.27 2.70 32.68
C ILE A 47 15.66 1.52 31.94
N PHE A 48 16.38 0.42 31.85
CA PHE A 48 15.89 -0.78 31.16
C PHE A 48 15.70 -1.94 32.14
N GLN A 49 14.44 -2.34 32.35
CA GLN A 49 14.10 -3.54 33.16
C GLN A 49 14.03 -4.79 32.31
N GLN A 50 14.08 -4.63 31.00
CA GLN A 50 14.04 -5.75 30.06
C GLN A 50 15.05 -5.58 28.92
N SER A 51 15.33 -6.67 28.23
CA SER A 51 16.24 -6.63 27.08
C SER A 51 15.73 -5.74 25.97
N SER A 52 16.68 -5.18 25.21
CA SER A 52 16.35 -4.29 24.10
C SER A 52 17.54 -4.08 23.19
N THR A 53 17.31 -4.10 21.89
CA THR A 53 18.32 -3.74 20.92
C THR A 53 17.99 -2.42 20.19
N ARG A 54 16.82 -2.36 19.56
CA ARG A 54 16.40 -1.17 18.82
C ARG A 54 16.13 0.03 19.70
N THR A 55 15.35 -0.15 20.77
CA THR A 55 14.93 0.98 21.61
C THR A 55 16.15 1.57 22.30
N ARG A 56 16.96 0.71 22.92
CA ARG A 56 18.11 1.18 23.67
C ARG A 56 19.12 1.85 22.75
N VAL A 57 19.49 1.17 21.67
CA VAL A 57 20.52 1.70 20.76
C VAL A 57 20.01 2.98 20.06
N SER A 58 18.73 3.03 19.74
CA SER A 58 18.15 4.25 19.17
C SER A 58 18.32 5.42 20.13
N PHE A 59 17.99 5.23 21.40
CA PHE A 59 18.13 6.32 22.37
C PHE A 59 19.57 6.75 22.49
N GLU A 60 20.49 5.80 22.57
CA GLU A 60 21.90 6.12 22.81
C GLU A 60 22.54 6.79 21.58
N THR A 61 22.25 6.24 20.40
CA THR A 61 22.73 6.82 19.15
C THR A 61 22.12 8.23 18.93
N ALA A 62 20.83 8.36 19.17
CA ALA A 62 20.12 9.62 18.98
C ALA A 62 20.79 10.74 19.76
N MET A 63 21.05 10.49 21.04
CA MET A 63 21.71 11.48 21.89
C MET A 63 23.06 11.89 21.31
N GLU A 64 23.86 10.92 20.86
CA GLU A 64 25.17 11.26 20.28
C GLU A 64 25.04 12.08 19.01
N GLN A 65 24.08 11.73 18.16
CA GLN A 65 23.90 12.41 16.89
C GLN A 65 23.47 13.86 17.07
N LEU A 66 22.74 14.12 18.16
CA LEU A 66 22.21 15.45 18.47
C LEU A 66 23.10 16.24 19.46
N GLY A 67 24.24 15.69 19.83
CA GLY A 67 25.23 16.42 20.60
C GLY A 67 25.19 16.22 22.10
N GLY A 68 24.46 15.19 22.52
CA GLY A 68 24.27 14.83 23.90
C GLY A 68 24.77 13.43 24.24
N HIS A 69 24.22 12.86 25.31
CA HIS A 69 24.64 11.55 25.76
C HIS A 69 23.55 10.79 26.52
N GLY A 70 23.47 9.49 26.27
CA GLY A 70 22.53 8.58 26.92
C GLY A 70 23.26 7.66 27.88
N GLU A 71 22.70 7.50 29.09
CA GLU A 71 23.30 6.68 30.14
C GLU A 71 22.46 5.42 30.33
N TYR A 72 23.07 4.26 30.11
CA TYR A 72 22.38 2.97 30.26
C TYR A 72 22.35 2.55 31.74
N LEU A 73 21.23 2.81 32.38
CA LEU A 73 21.09 2.47 33.78
C LEU A 73 20.35 1.14 33.89
N ALA A 74 21.12 0.09 34.07
CA ALA A 74 20.60 -1.28 34.07
C ALA A 74 20.12 -1.67 35.47
N PRO A 75 19.38 -2.80 35.53
CA PRO A 75 18.81 -3.20 36.82
C PRO A 75 19.93 -3.73 37.72
N GLY A 76 19.92 -3.33 38.98
CA GLY A 76 20.97 -3.79 39.90
C GLY A 76 22.25 -2.97 39.84
N GLN A 77 22.49 -2.28 38.72
CA GLN A 77 23.56 -1.29 38.65
C GLN A 77 23.17 -0.09 39.51
N ILE A 78 21.92 0.35 39.39
CA ILE A 78 21.42 1.49 40.16
C ILE A 78 20.68 1.03 41.41
N GLN A 79 20.35 1.98 42.30
CA GLN A 79 19.85 1.64 43.63
C GLN A 79 18.37 1.22 43.63
N LEU A 80 17.67 1.52 42.53
CA LEU A 80 16.27 1.13 42.36
C LEU A 80 16.10 -0.38 42.55
N GLY A 81 15.16 -0.74 43.42
CA GLY A 81 14.92 -2.15 43.81
C GLY A 81 14.69 -2.22 45.31
N GLY A 82 15.39 -3.12 45.99
CA GLY A 82 15.31 -3.23 47.44
C GLY A 82 15.69 -1.95 48.18
N HIS A 83 16.72 -1.26 47.66
CA HIS A 83 17.29 -0.08 48.33
C HIS A 83 16.49 1.19 48.11
N GLU A 84 15.78 1.29 46.99
CA GLU A 84 15.09 2.56 46.66
C GLU A 84 13.88 2.39 45.78
N THR A 85 12.88 3.24 46.01
CA THR A 85 11.62 3.22 45.29
C THR A 85 11.72 3.92 43.94
N ILE A 86 10.71 3.69 43.09
CA ILE A 86 10.56 4.38 41.81
C ILE A 86 10.42 5.91 42.03
N GLU A 87 9.60 6.29 43.01
CA GLU A 87 9.36 7.70 43.33
C GLU A 87 10.66 8.45 43.68
N ASP A 88 11.45 7.89 44.57
CA ASP A 88 12.71 8.51 44.94
C ASP A 88 13.68 8.52 43.77
N THR A 89 13.76 7.41 43.04
CA THR A 89 14.60 7.36 41.85
C THR A 89 14.22 8.48 40.89
N SER A 90 12.93 8.68 40.69
CA SER A 90 12.44 9.69 39.76
C SER A 90 12.84 11.11 40.21
N ARG A 91 12.56 11.42 41.47
CA ARG A 91 12.86 12.74 42.04
C ARG A 91 14.34 13.05 42.01
N VAL A 92 15.16 12.04 42.26
CA VAL A 92 16.62 12.21 42.27
C VAL A 92 17.19 12.37 40.85
N LEU A 93 16.75 11.53 39.92
CA LEU A 93 17.21 11.61 38.55
C LEU A 93 16.79 12.93 37.90
N SER A 94 15.68 13.50 38.36
CA SER A 94 15.24 14.81 37.90
C SER A 94 16.29 15.90 38.17
N ARG A 95 17.13 15.68 39.19
CA ARG A 95 18.19 16.62 39.52
C ARG A 95 19.48 16.34 38.77
N LEU A 96 19.62 15.13 38.21
CA LEU A 96 20.90 14.62 37.70
C LEU A 96 20.96 14.38 36.18
N VAL A 97 19.81 14.36 35.52
CA VAL A 97 19.77 14.29 34.07
C VAL A 97 18.68 15.23 33.55
N ASP A 98 18.64 15.45 32.24
CA ASP A 98 17.73 16.43 31.65
C ASP A 98 16.46 15.81 31.11
N ILE A 99 16.51 14.51 30.84
CA ILE A 99 15.36 13.79 30.27
C ILE A 99 15.54 12.30 30.58
N LEU A 100 14.42 11.60 30.74
CA LEU A 100 14.47 10.23 31.25
C LEU A 100 13.62 9.31 30.38
N MET A 101 14.08 8.08 30.16
CA MET A 101 13.23 7.04 29.57
C MET A 101 13.37 5.73 30.33
N ALA A 102 12.39 4.85 30.15
CA ALA A 102 12.41 3.57 30.83
C ALA A 102 11.57 2.55 30.12
N ARG A 103 12.13 1.36 29.97
CA ARG A 103 11.39 0.17 29.61
C ARG A 103 11.09 -0.54 30.91
N VAL A 104 9.82 -0.82 31.15
CA VAL A 104 9.37 -1.35 32.43
C VAL A 104 8.61 -2.64 32.27
N GLU A 105 8.66 -3.46 33.31
CA GLU A 105 7.93 -4.71 33.38
C GLU A 105 6.42 -4.44 33.55
N ARG A 106 6.10 -3.46 34.41
CA ARG A 106 4.71 -3.08 34.71
C ARG A 106 4.46 -1.60 34.39
N HIS A 107 3.33 -1.33 33.76
CA HIS A 107 3.00 0.02 33.32
C HIS A 107 3.00 1.05 34.45
N HIS A 108 2.54 0.67 35.64
CA HIS A 108 2.49 1.62 36.76
C HIS A 108 3.87 2.22 37.06
N SER A 109 4.92 1.45 36.82
CA SER A 109 6.28 1.95 37.00
C SER A 109 6.55 3.16 36.13
N ILE A 110 6.21 3.08 34.84
CA ILE A 110 6.48 4.21 33.94
C ILE A 110 5.59 5.41 34.26
N VAL A 111 4.34 5.14 34.64
CA VAL A 111 3.42 6.22 35.05
C VAL A 111 3.91 6.94 36.29
N ASP A 112 4.36 6.18 37.29
CA ASP A 112 4.89 6.77 38.53
C ASP A 112 6.20 7.52 38.27
N LEU A 113 7.07 6.95 37.43
CA LEU A 113 8.30 7.66 37.03
C LEU A 113 7.96 9.01 36.43
N ALA A 114 6.95 9.04 35.55
CA ALA A 114 6.53 10.28 34.89
C ALA A 114 5.95 11.27 35.88
N ASN A 115 5.02 10.82 36.71
CA ASN A 115 4.32 11.69 37.66
C ASN A 115 5.25 12.28 38.74
N CYS A 116 6.31 11.56 39.09
CA CYS A 116 7.22 12.02 40.15
C CYS A 116 8.40 12.84 39.63
N ALA A 117 8.59 12.87 38.31
CA ALA A 117 9.72 13.57 37.70
C ALA A 117 9.32 14.98 37.29
N THR A 118 10.24 15.92 37.46
CA THR A 118 10.05 17.29 36.97
C THR A 118 10.62 17.44 35.56
N ILE A 119 11.20 16.37 35.02
CA ILE A 119 11.78 16.37 33.67
C ILE A 119 10.94 15.47 32.77
N PRO A 120 11.11 15.59 31.45
CA PRO A 120 10.28 14.77 30.60
C PRO A 120 10.62 13.30 30.73
N VAL A 121 9.60 12.46 30.70
CA VAL A 121 9.78 11.03 30.78
C VAL A 121 9.13 10.35 29.57
N ILE A 122 9.87 9.42 28.96
CA ILE A 122 9.40 8.69 27.79
C ILE A 122 9.23 7.21 28.11
N ASN A 123 8.13 6.63 27.69
CA ASN A 123 7.86 5.21 27.85
C ASN A 123 8.54 4.40 26.73
N GLY A 124 9.54 3.60 27.09
CA GLY A 124 10.28 2.77 26.13
C GLY A 124 9.74 1.35 25.97
N MET A 125 8.49 1.17 26.42
CA MET A 125 7.69 -0.06 26.39
C MET A 125 7.28 -0.55 27.79
N SER A 126 6.03 -0.97 27.90
CA SER A 126 5.44 -1.49 29.13
C SER A 126 4.57 -2.68 28.75
N ASP A 127 4.04 -3.38 29.74
CA ASP A 127 3.14 -4.50 29.45
C ASP A 127 1.83 -4.02 28.85
N TYR A 128 1.60 -2.70 28.86
CA TYR A 128 0.35 -2.12 28.37
C TYR A 128 0.49 -1.59 26.94
N ASN A 129 1.53 -0.80 26.70
CA ASN A 129 1.71 -0.08 25.43
C ASN A 129 3.16 0.18 25.01
N HIS A 130 3.34 0.73 23.82
CA HIS A 130 4.68 0.92 23.25
C HIS A 130 4.68 2.16 22.34
N PRO A 131 4.62 3.35 22.95
CA PRO A 131 4.32 4.57 22.19
C PRO A 131 5.42 5.05 21.22
N THR A 132 6.68 4.77 21.51
CA THR A 132 7.75 5.13 20.56
C THR A 132 7.68 4.23 19.32
N GLN A 133 7.23 2.99 19.50
CA GLN A 133 7.02 2.07 18.39
C GLN A 133 5.90 2.60 17.50
N GLU A 134 4.87 3.19 18.10
CA GLU A 134 3.78 3.79 17.36
C GLU A 134 4.29 4.84 16.40
N LEU A 135 5.08 5.79 16.90
CA LEU A 135 5.54 6.91 16.08
C LEU A 135 6.48 6.43 14.98
N GLY A 136 7.36 5.51 15.32
CA GLY A 136 8.24 4.88 14.32
C GLY A 136 7.46 4.16 13.23
N ASP A 137 6.44 3.41 13.64
CA ASP A 137 5.59 2.70 12.70
C ASP A 137 4.80 3.69 11.83
N LEU A 138 4.33 4.78 12.42
CA LEU A 138 3.61 5.80 11.67
C LEU A 138 4.50 6.38 10.56
N CYS A 139 5.73 6.76 10.94
CA CYS A 139 6.73 7.27 10.00
C CYS A 139 6.96 6.30 8.85
N THR A 140 7.04 5.01 9.19
CA THR A 140 7.29 3.98 8.21
C THR A 140 6.12 3.86 7.22
N MET A 141 4.89 3.86 7.73
CA MET A 141 3.70 3.75 6.87
C MET A 141 3.58 4.98 5.97
N VAL A 142 3.90 6.15 6.51
CA VAL A 142 3.91 7.39 5.74
C VAL A 142 4.93 7.32 4.59
N GLU A 143 6.10 6.73 4.84
CA GLU A 143 7.16 6.57 3.82
C GLU A 143 6.88 5.47 2.82
N HIS A 144 5.92 4.59 3.12
CA HIS A 144 5.62 3.45 2.27
C HIS A 144 4.13 3.37 1.90
N LEU A 145 3.52 4.53 1.61
CA LEU A 145 2.12 4.56 1.20
C LEU A 145 1.94 3.81 -0.11
N PRO A 146 0.80 3.10 -0.26
CA PRO A 146 0.49 2.59 -1.58
C PRO A 146 0.20 3.75 -2.53
N GLU A 147 0.68 3.63 -3.76
CA GLU A 147 0.42 4.62 -4.80
C GLU A 147 -1.09 4.89 -4.86
N GLY A 148 -1.46 6.17 -4.85
CA GLY A 148 -2.86 6.58 -4.97
C GLY A 148 -3.72 6.39 -3.72
N LYS A 149 -3.08 6.26 -2.55
CA LYS A 149 -3.80 6.19 -1.27
C LYS A 149 -3.27 7.20 -0.27
N LYS A 150 -4.17 7.86 0.44
CA LYS A 150 -3.83 8.67 1.60
C LYS A 150 -3.67 7.72 2.80
N LEU A 151 -3.00 8.18 3.84
CA LEU A 151 -2.80 7.40 5.07
C LEU A 151 -4.12 6.88 5.64
N GLU A 152 -5.11 7.77 5.74
CA GLU A 152 -6.38 7.42 6.39
C GLU A 152 -7.25 6.46 5.56
N ASP A 153 -6.91 6.25 4.29
CA ASP A 153 -7.60 5.25 3.45
C ASP A 153 -6.98 3.86 3.57
N CYS A 154 -5.88 3.73 4.32
CA CYS A 154 -5.18 2.46 4.43
C CYS A 154 -5.79 1.53 5.48
N LYS A 155 -5.62 0.22 5.25
CA LYS A 155 -6.07 -0.82 6.16
C LYS A 155 -4.85 -1.52 6.74
N VAL A 156 -4.78 -1.55 8.06
CA VAL A 156 -3.66 -2.17 8.78
C VAL A 156 -4.19 -3.34 9.61
N VAL A 157 -3.66 -4.53 9.35
CA VAL A 157 -4.09 -5.72 10.06
C VAL A 157 -2.94 -6.29 10.85
N PHE A 158 -3.13 -6.38 12.17
CA PHE A 158 -2.17 -7.02 13.06
C PHE A 158 -2.57 -8.48 13.22
N VAL A 159 -1.62 -9.40 13.10
CA VAL A 159 -1.89 -10.82 13.15
C VAL A 159 -1.28 -11.46 14.41
N GLY A 160 -2.12 -12.19 15.17
CA GLY A 160 -1.63 -13.02 16.27
C GLY A 160 -2.06 -12.59 17.67
N ASP A 161 -1.08 -12.46 18.56
CA ASP A 161 -1.33 -12.23 19.98
C ASP A 161 -1.67 -10.78 20.29
N ALA A 162 -2.49 -10.57 21.31
CA ALA A 162 -2.82 -9.22 21.71
C ALA A 162 -1.71 -8.68 22.60
N THR A 163 -0.60 -8.35 21.97
CA THR A 163 0.54 -7.81 22.70
C THR A 163 0.40 -6.31 22.88
N GLN A 164 1.28 -5.74 23.69
CA GLN A 164 1.30 -4.29 23.86
C GLN A 164 1.55 -3.59 22.52
N VAL A 165 2.29 -4.23 21.62
CA VAL A 165 2.52 -3.66 20.29
C VAL A 165 1.25 -3.74 19.45
N CYS A 166 0.56 -4.87 19.49
CA CYS A 166 -0.76 -4.99 18.86
C CYS A 166 -1.65 -3.81 19.25
N PHE A 167 -1.77 -3.57 20.56
CA PHE A 167 -2.64 -2.52 21.04
C PHE A 167 -2.15 -1.14 20.64
N SER A 168 -0.85 -0.91 20.75
CA SER A 168 -0.26 0.36 20.35
C SER A 168 -0.50 0.64 18.86
N LEU A 169 -0.39 -0.39 18.03
CA LEU A 169 -0.66 -0.23 16.61
C LEU A 169 -2.12 0.18 16.39
N GLY A 170 -3.01 -0.41 17.17
CA GLY A 170 -4.41 -0.01 17.18
C GLY A 170 -4.62 1.43 17.61
N LEU A 171 -3.95 1.84 18.68
CA LEU A 171 -4.10 3.20 19.18
C LEU A 171 -3.69 4.20 18.11
N ILE A 172 -2.49 4.00 17.52
CA ILE A 172 -1.96 4.98 16.58
C ILE A 172 -2.74 4.98 15.27
N THR A 173 -3.08 3.80 14.75
CA THR A 173 -3.80 3.75 13.49
C THR A 173 -5.16 4.43 13.61
N THR A 174 -5.89 4.16 14.71
CA THR A 174 -7.20 4.77 14.90
C THR A 174 -7.07 6.26 15.18
N LYS A 175 -6.04 6.65 15.90
CA LYS A 175 -5.79 8.07 16.19
C LYS A 175 -5.66 8.85 14.89
N MET A 176 -4.97 8.26 13.91
CA MET A 176 -4.70 8.92 12.63
C MET A 176 -5.84 8.79 11.61
N GLY A 177 -6.90 8.06 11.96
CA GLY A 177 -8.09 7.94 11.10
C GLY A 177 -8.05 6.78 10.13
N MET A 178 -7.13 5.85 10.36
CA MET A 178 -6.95 4.64 9.56
C MET A 178 -7.90 3.49 9.93
N ASN A 179 -7.91 2.43 9.14
CA ASN A 179 -8.75 1.29 9.40
C ASN A 179 -7.91 0.14 9.99
N PHE A 180 -8.23 -0.26 11.22
CA PHE A 180 -7.43 -1.24 11.96
C PHE A 180 -8.16 -2.58 12.13
N VAL A 181 -7.41 -3.67 12.06
CA VAL A 181 -7.95 -4.98 12.39
C VAL A 181 -6.97 -5.75 13.26
N HIS A 182 -7.46 -6.33 14.36
CA HIS A 182 -6.72 -7.39 15.04
C HIS A 182 -7.28 -8.76 14.63
N PHE A 183 -6.48 -9.51 13.87
CA PHE A 183 -6.76 -10.90 13.51
C PHE A 183 -6.03 -11.78 14.52
N GLY A 184 -6.80 -12.31 15.47
CA GLY A 184 -6.25 -13.11 16.57
C GLY A 184 -7.23 -14.16 17.07
N PRO A 185 -6.71 -15.24 17.66
CA PRO A 185 -7.54 -16.33 18.17
C PRO A 185 -8.23 -16.01 19.48
N GLU A 186 -9.40 -16.61 19.68
CA GLU A 186 -10.18 -16.45 20.92
C GLU A 186 -9.27 -16.67 22.14
N GLY A 187 -9.40 -15.80 23.13
CA GLY A 187 -8.57 -15.86 24.33
C GLY A 187 -7.30 -15.01 24.27
N PHE A 188 -6.88 -14.63 23.06
CA PHE A 188 -5.69 -13.81 22.86
C PHE A 188 -5.98 -12.58 22.02
N GLN A 189 -7.24 -12.13 22.06
CA GLN A 189 -7.68 -10.93 21.34
C GLN A 189 -7.66 -9.74 22.27
N LEU A 190 -7.61 -8.54 21.69
CA LEU A 190 -7.76 -7.30 22.46
C LEU A 190 -9.08 -7.35 23.23
N ASN A 191 -9.03 -7.08 24.53
CA ASN A 191 -10.22 -7.20 25.38
C ASN A 191 -11.16 -6.01 25.23
N GLU A 192 -12.30 -6.06 25.91
CA GLU A 192 -13.34 -5.04 25.73
C GLU A 192 -12.87 -3.64 26.15
N GLU A 193 -12.12 -3.56 27.25
CA GLU A 193 -11.57 -2.28 27.70
C GLU A 193 -10.68 -1.66 26.62
N HIS A 194 -9.81 -2.49 26.02
CA HIS A 194 -8.94 -2.06 24.92
C HIS A 194 -9.74 -1.62 23.70
N GLN A 195 -10.78 -2.39 23.36
CA GLN A 195 -11.63 -2.06 22.22
C GLN A 195 -12.38 -0.75 22.44
N ALA A 196 -12.78 -0.48 23.67
CA ALA A 196 -13.47 0.77 24.01
C ALA A 196 -12.57 1.99 23.75
N LYS A 197 -11.28 1.85 24.03
CA LYS A 197 -10.34 2.93 23.77
C LYS A 197 -10.14 3.13 22.27
N LEU A 198 -10.21 2.05 21.50
CA LEU A 198 -10.14 2.16 20.03
C LEU A 198 -11.39 2.81 19.48
N ALA A 199 -12.55 2.42 20.04
CA ALA A 199 -13.82 3.01 19.63
C ALA A 199 -13.79 4.50 19.87
N LYS A 200 -13.27 4.90 21.02
CA LYS A 200 -13.21 6.31 21.37
C LYS A 200 -12.31 7.10 20.43
N ASN A 201 -11.19 6.51 20.02
CA ASN A 201 -10.35 7.12 18.97
C ASN A 201 -11.11 7.29 17.66
N CYS A 202 -11.91 6.28 17.30
CA CYS A 202 -12.61 6.28 16.01
C CYS A 202 -13.76 7.29 15.97
N GLU A 203 -14.35 7.58 17.12
CA GLU A 203 -15.42 8.59 17.20
C GLU A 203 -14.93 9.96 16.75
N VAL A 204 -13.69 10.28 17.11
CA VAL A 204 -13.07 11.55 16.75
C VAL A 204 -12.45 11.50 15.36
N SER A 205 -11.80 10.38 15.03
CA SER A 205 -10.93 10.32 13.84
C SER A 205 -11.62 9.94 12.54
N GLY A 206 -12.74 9.22 12.63
CA GLY A 206 -13.42 8.69 11.44
C GLY A 206 -12.85 7.34 11.00
N GLY A 207 -11.86 6.84 11.72
CA GLY A 207 -11.29 5.52 11.45
C GLY A 207 -12.22 4.41 11.88
N SER A 208 -11.74 3.17 11.76
CA SER A 208 -12.51 2.01 12.18
C SER A 208 -11.59 0.98 12.80
N PHE A 209 -12.20 0.02 13.48
CA PHE A 209 -11.46 -1.07 14.09
C PHE A 209 -12.33 -2.34 14.13
N LEU A 210 -11.68 -3.48 13.99
CA LEU A 210 -12.33 -4.78 14.11
C LEU A 210 -11.40 -5.75 14.86
N VAL A 211 -11.98 -6.57 15.74
CA VAL A 211 -11.25 -7.64 16.39
C VAL A 211 -11.97 -8.94 16.04
N THR A 212 -11.25 -9.89 15.44
CA THR A 212 -11.86 -11.08 14.85
C THR A 212 -10.89 -12.26 14.74
N ASP A 213 -11.43 -13.48 14.64
CA ASP A 213 -10.65 -14.68 14.31
C ASP A 213 -10.93 -15.21 12.89
N ASP A 214 -11.52 -14.36 12.04
CA ASP A 214 -11.88 -14.72 10.67
C ASP A 214 -10.68 -14.51 9.76
N ALA A 215 -10.22 -15.58 9.12
CA ALA A 215 -9.00 -15.55 8.30
C ALA A 215 -9.11 -14.61 7.11
N SER A 216 -10.34 -14.40 6.63
CA SER A 216 -10.57 -13.49 5.50
C SER A 216 -10.31 -12.03 5.83
N SER A 217 -10.22 -11.70 7.12
CA SER A 217 -10.01 -10.31 7.57
C SER A 217 -8.71 -9.67 7.04
N VAL A 218 -7.72 -10.49 6.68
CA VAL A 218 -6.47 -9.96 6.11
C VAL A 218 -6.64 -9.42 4.70
N GLU A 219 -7.71 -9.85 4.00
CA GLU A 219 -7.93 -9.42 2.61
C GLU A 219 -8.10 -7.90 2.52
N GLY A 220 -7.29 -7.27 1.66
CA GLY A 220 -7.31 -5.82 1.45
C GLY A 220 -6.34 -5.03 2.29
N ALA A 221 -5.62 -5.69 3.19
CA ALA A 221 -4.63 -5.02 4.03
C ALA A 221 -3.61 -4.31 3.17
N ASP A 222 -3.26 -3.09 3.54
CA ASP A 222 -2.14 -2.37 2.92
C ASP A 222 -0.85 -2.63 3.71
N PHE A 223 -1.02 -2.83 5.02
CA PHE A 223 0.06 -3.22 5.89
C PHE A 223 -0.40 -4.40 6.73
N LEU A 224 0.39 -5.46 6.74
CA LEU A 224 0.13 -6.65 7.55
C LEU A 224 1.27 -6.74 8.55
N TYR A 225 0.92 -6.72 9.84
CA TYR A 225 1.87 -6.52 10.93
C TYR A 225 1.76 -7.71 11.88
N THR A 226 2.88 -8.16 12.41
CA THR A 226 2.92 -9.26 13.38
C THR A 226 3.98 -9.09 14.48
N ASP A 227 3.90 -9.93 15.50
CA ASP A 227 4.77 -9.88 16.68
C ASP A 227 4.94 -11.33 17.15
N VAL A 228 5.84 -11.54 18.10
CA VAL A 228 6.10 -12.86 18.64
C VAL A 228 4.89 -13.42 19.38
N TRP A 229 4.96 -14.71 19.70
CA TRP A 229 3.86 -15.41 20.37
C TRP A 229 4.15 -15.76 21.83
N TYR A 230 5.37 -15.51 22.31
CA TYR A 230 5.75 -15.97 23.65
C TYR A 230 5.35 -15.04 24.81
N GLY A 231 4.61 -13.99 24.52
CA GLY A 231 3.99 -13.15 25.56
C GLY A 231 4.98 -12.28 26.32
N LEU A 232 4.73 -12.14 27.62
CA LEU A 232 5.49 -11.24 28.47
C LEU A 232 6.83 -11.86 28.84
N TYR A 233 7.89 -11.06 28.79
CA TYR A 233 9.27 -11.55 28.98
C TYR A 233 9.52 -12.20 30.35
N GLU A 234 8.77 -11.81 31.37
CA GLU A 234 8.93 -12.39 32.71
C GLU A 234 8.21 -13.73 32.90
N ALA A 235 7.28 -14.05 32.00
CA ALA A 235 6.50 -15.29 32.06
C ALA A 235 6.17 -15.74 30.64
N GLU A 236 7.20 -16.18 29.91
CA GLU A 236 7.03 -16.53 28.50
C GLU A 236 6.34 -17.87 28.30
N LEU A 237 5.45 -17.92 27.31
CA LEU A 237 4.95 -19.20 26.82
C LEU A 237 6.11 -19.99 26.21
N SER A 238 6.13 -21.30 26.47
CA SER A 238 7.11 -22.20 25.81
C SER A 238 6.81 -22.34 24.32
N GLU A 239 7.76 -22.90 23.59
CA GLU A 239 7.57 -23.17 22.16
C GLU A 239 6.32 -24.02 21.92
N GLU A 240 6.17 -25.11 22.69
CA GLU A 240 5.02 -26.02 22.55
C GLU A 240 3.67 -25.36 22.85
N GLU A 241 3.65 -24.52 23.88
CA GLU A 241 2.44 -23.84 24.30
C GLU A 241 1.97 -22.89 23.21
N ARG A 242 2.87 -22.04 22.74
CA ARG A 242 2.49 -20.99 21.81
C ARG A 242 2.20 -21.53 20.40
N MET A 243 2.92 -22.56 19.96
CA MET A 243 2.62 -23.22 18.69
C MET A 243 1.20 -23.81 18.70
N LYS A 244 0.82 -24.39 19.84
CA LYS A 244 -0.53 -24.99 20.01
C LYS A 244 -1.63 -23.95 19.90
N VAL A 245 -1.40 -22.76 20.46
CA VAL A 245 -2.37 -21.67 20.35
C VAL A 245 -2.45 -21.09 18.93
N PHE A 246 -1.30 -20.81 18.32
CA PHE A 246 -1.24 -19.95 17.12
C PHE A 246 -0.95 -20.64 15.78
N TYR A 247 -0.27 -21.79 15.78
CA TYR A 247 0.22 -22.39 14.53
C TYR A 247 -0.71 -23.49 14.02
N PRO A 248 -0.96 -23.53 12.69
CA PRO A 248 -0.46 -22.67 11.61
C PRO A 248 -1.31 -21.44 11.27
N LYS A 249 -2.49 -21.32 11.86
CA LYS A 249 -3.45 -20.32 11.40
C LYS A 249 -2.88 -18.89 11.37
N TYR A 250 -2.07 -18.56 12.38
CA TYR A 250 -1.61 -17.18 12.56
C TYR A 250 -0.17 -16.95 12.12
N GLN A 251 0.44 -17.93 11.47
CA GLN A 251 1.76 -17.71 10.88
C GLN A 251 1.61 -16.86 9.64
N VAL A 252 2.38 -15.77 9.57
CA VAL A 252 2.40 -14.93 8.39
C VAL A 252 3.35 -15.55 7.38
N ASN A 253 2.77 -16.35 6.49
CA ASN A 253 3.49 -16.95 5.35
C ASN A 253 3.14 -16.26 4.05
N GLN A 254 3.78 -16.68 2.95
CA GLN A 254 3.54 -16.06 1.65
C GLN A 254 2.08 -16.20 1.23
N GLU A 255 1.44 -17.30 1.64
CA GLU A 255 0.03 -17.51 1.34
C GLU A 255 -0.84 -16.40 1.95
N MET A 256 -0.51 -15.98 3.17
CA MET A 256 -1.30 -14.97 3.87
C MET A 256 -1.07 -13.60 3.26
N MET A 257 0.19 -13.29 2.93
CA MET A 257 0.51 -12.02 2.26
C MET A 257 -0.26 -11.90 0.94
N ASP A 258 -0.26 -12.96 0.15
CA ASP A 258 -0.95 -12.93 -1.14
C ASP A 258 -2.46 -12.88 -0.97
N ARG A 259 -2.96 -13.41 0.14
CA ARG A 259 -4.36 -13.30 0.45
C ARG A 259 -4.69 -11.85 0.84
N ALA A 260 -3.79 -11.20 1.55
CA ALA A 260 -3.94 -9.78 1.83
C ALA A 260 -3.99 -8.95 0.53
N GLY A 261 -3.04 -9.23 -0.36
CA GLY A 261 -2.93 -8.53 -1.64
C GLY A 261 -1.48 -8.39 -2.07
N ALA A 262 -1.25 -8.37 -3.38
CA ALA A 262 0.09 -8.38 -3.96
C ALA A 262 0.93 -7.18 -3.56
N ASN A 263 0.26 -6.07 -3.22
CA ASN A 263 0.90 -4.82 -2.84
C ASN A 263 1.13 -4.69 -1.33
N CYS A 264 0.47 -5.53 -0.53
CA CYS A 264 0.53 -5.42 0.93
C CYS A 264 1.97 -5.54 1.45
N LYS A 265 2.35 -4.66 2.36
CA LYS A 265 3.68 -4.68 2.93
C LYS A 265 3.67 -5.37 4.28
N PHE A 266 4.77 -6.04 4.62
CA PHE A 266 4.88 -6.75 5.90
C PHE A 266 5.68 -5.94 6.93
N MET A 267 5.14 -5.86 8.14
CA MET A 267 5.76 -5.15 9.24
C MET A 267 5.87 -6.08 10.43
N HIS A 268 6.92 -5.90 11.21
CA HIS A 268 7.18 -6.60 12.45
C HIS A 268 7.97 -5.65 13.34
N CYS A 269 7.64 -5.55 14.62
CA CYS A 269 8.38 -4.65 15.51
C CYS A 269 9.78 -5.18 15.77
N LEU A 270 9.92 -6.50 15.65
CA LEU A 270 11.15 -7.22 15.94
C LEU A 270 11.38 -7.18 17.46
N PRO A 271 12.18 -8.10 17.99
CA PRO A 271 12.83 -9.19 17.28
C PRO A 271 11.81 -10.22 16.85
N ALA A 272 12.10 -10.94 15.77
CA ALA A 272 11.21 -11.96 15.25
C ALA A 272 11.74 -13.32 15.62
N THR A 273 10.83 -14.26 15.85
CA THR A 273 11.16 -15.68 15.95
C THR A 273 10.80 -16.34 14.64
N ARG A 274 11.81 -16.54 13.79
CA ARG A 274 11.61 -17.01 12.42
C ARG A 274 11.12 -18.43 12.43
N GLY A 275 10.10 -18.70 11.63
CA GLY A 275 9.46 -19.99 11.56
C GLY A 275 8.27 -20.16 12.48
N GLU A 276 7.92 -19.11 13.21
CA GLU A 276 6.72 -19.15 14.04
C GLU A 276 5.67 -18.16 13.53
N GLU A 277 5.77 -16.92 13.99
CA GLU A 277 4.86 -15.86 13.56
C GLU A 277 5.00 -15.53 12.08
N VAL A 278 6.22 -15.57 11.58
CA VAL A 278 6.51 -15.24 10.20
C VAL A 278 7.57 -16.17 9.66
N THR A 279 7.49 -16.48 8.37
CA THR A 279 8.48 -17.33 7.71
C THR A 279 9.63 -16.50 7.13
N ASP A 280 10.79 -17.13 6.96
CA ASP A 280 11.96 -16.51 6.30
C ASP A 280 11.58 -15.84 4.97
N GLU A 281 10.69 -16.48 4.22
CA GLU A 281 10.27 -16.01 2.89
C GLU A 281 9.62 -14.62 2.97
N VAL A 282 8.70 -14.46 3.92
CA VAL A 282 8.03 -13.17 4.08
C VAL A 282 8.99 -12.11 4.64
N ILE A 283 9.64 -12.39 5.76
CA ILE A 283 10.41 -11.34 6.47
C ILE A 283 11.61 -10.83 5.65
N ASP A 284 12.19 -11.69 4.82
CA ASP A 284 13.32 -11.34 3.95
C ASP A 284 12.87 -11.01 2.53
N GLY A 285 11.56 -11.00 2.29
CA GLY A 285 11.02 -10.90 0.95
C GLY A 285 10.83 -9.50 0.40
N LYS A 286 10.35 -9.47 -0.83
CA LYS A 286 10.15 -8.25 -1.64
C LYS A 286 9.17 -7.24 -1.01
N ASN A 287 8.25 -7.71 -0.17
CA ASN A 287 7.27 -6.83 0.46
C ASN A 287 7.51 -6.57 1.95
N SER A 288 8.66 -7.02 2.47
CA SER A 288 9.01 -6.74 3.86
C SER A 288 9.58 -5.33 4.00
N ILE A 289 9.04 -4.55 4.93
CA ILE A 289 9.58 -3.23 5.23
C ILE A 289 10.01 -3.10 6.69
N CYS A 290 10.21 -4.24 7.37
CA CYS A 290 10.49 -4.24 8.80
C CYS A 290 11.88 -3.73 9.17
N PHE A 291 12.81 -3.77 8.24
CA PHE A 291 14.14 -3.20 8.50
C PHE A 291 14.18 -1.68 8.36
N ASP A 292 13.47 -1.17 7.37
CA ASP A 292 13.18 0.26 7.33
C ASP A 292 12.43 0.62 8.60
N GLU A 293 11.49 -0.22 9.02
CA GLU A 293 10.74 0.00 10.25
C GLU A 293 11.68 0.12 11.43
N ALA A 294 12.66 -0.78 11.49
CA ALA A 294 13.65 -0.80 12.58
C ALA A 294 14.47 0.49 12.57
N GLU A 295 14.90 0.91 11.38
CA GLU A 295 15.58 2.19 11.24
C GLU A 295 14.76 3.33 11.83
N ASN A 296 13.45 3.28 11.58
CA ASN A 296 12.58 4.37 12.01
C ASN A 296 12.30 4.38 13.52
N ARG A 297 12.79 3.38 14.24
CA ARG A 297 12.77 3.47 15.69
C ARG A 297 13.68 4.63 16.12
N LEU A 298 14.85 4.74 15.46
CA LEU A 298 15.78 5.83 15.70
C LEU A 298 15.23 7.16 15.16
N THR A 299 14.69 7.12 13.95
CA THR A 299 14.04 8.28 13.37
C THR A 299 13.08 8.95 14.36
N SER A 300 12.16 8.15 14.90
CA SER A 300 11.10 8.66 15.77
C SER A 300 11.61 9.10 17.14
N ILE A 301 12.57 8.36 17.69
CA ILE A 301 13.18 8.72 18.98
C ILE A 301 13.95 10.04 18.92
N ARG A 302 14.61 10.32 17.80
CA ARG A 302 15.28 11.62 17.63
C ARG A 302 14.24 12.75 17.69
N GLY A 303 13.12 12.55 17.01
CA GLY A 303 12.03 13.55 17.01
C GLY A 303 11.40 13.78 18.38
N LEU A 304 11.11 12.69 19.08
CA LEU A 304 10.55 12.76 20.43
C LEU A 304 11.48 13.54 21.37
N LEU A 305 12.74 13.15 21.38
CA LEU A 305 13.75 13.80 22.21
C LEU A 305 13.83 15.30 21.94
N VAL A 306 13.88 15.67 20.67
CA VAL A 306 13.99 17.07 20.31
C VAL A 306 12.73 17.83 20.71
N TYR A 307 11.55 17.26 20.45
CA TYR A 307 10.31 17.98 20.76
C TYR A 307 10.16 18.19 22.27
N LEU A 308 10.39 17.13 23.03
CA LEU A 308 10.21 17.18 24.47
C LEU A 308 11.20 18.14 25.16
N MET A 309 12.43 18.18 24.67
CA MET A 309 13.42 19.08 25.23
C MET A 309 13.15 20.54 24.85
N ASN A 310 12.68 20.76 23.62
CA ASN A 310 12.26 22.10 23.17
C ASN A 310 11.06 22.60 23.95
N ASP A 311 10.10 21.71 24.21
CA ASP A 311 8.94 22.05 24.99
C ASP A 311 9.37 22.39 26.40
N TYR A 312 10.26 21.57 26.96
CA TYR A 312 10.78 21.81 28.30
C TYR A 312 11.48 23.17 28.42
N GLU A 313 12.33 23.49 27.45
CA GLU A 313 13.09 24.74 27.47
C GLU A 313 12.21 25.98 27.30
N ALA A 314 11.14 25.86 26.50
CA ALA A 314 10.19 26.96 26.31
C ALA A 314 9.37 27.21 27.57
N LYS A 315 9.12 26.15 28.33
CA LYS A 315 8.38 26.25 29.59
C LYS A 315 9.32 26.64 30.73
N ASN A 316 10.61 26.35 30.57
CA ASN A 316 11.61 26.67 31.61
C ASN A 316 12.82 27.38 31.00
N PRO A 317 12.61 28.62 30.51
CA PRO A 317 13.64 29.33 29.77
C PRO A 317 14.83 29.74 30.65
N TYR A 318 16.01 29.72 30.05
CA TYR A 318 17.20 30.20 30.72
C TYR A 318 17.12 31.72 30.79
N ASP A 319 17.51 32.27 31.95
CA ASP A 319 17.67 33.70 32.10
C ASP A 319 19.03 34.11 31.49
N LEU A 320 18.98 34.91 30.42
CA LEU A 320 20.19 35.18 29.64
C LEU A 320 21.16 36.13 30.36
N ILE A 321 20.64 37.05 31.14
CA ILE A 321 21.49 37.96 31.91
C ILE A 321 22.23 37.17 32.99
N LYS A 322 21.53 36.29 33.69
CA LYS A 322 22.15 35.44 34.69
C LYS A 322 23.16 34.48 34.07
N GLN A 323 22.84 33.98 32.89
CA GLN A 323 23.75 33.12 32.13
C GLN A 323 25.07 33.83 31.84
N ALA A 324 24.99 35.05 31.32
CA ALA A 324 26.19 35.86 31.04
C ALA A 324 26.96 36.16 32.32
N GLU A 325 26.26 36.55 33.38
CA GLU A 325 26.87 36.80 34.71
C GLU A 325 27.63 35.56 35.20
N ALA A 326 26.97 34.40 35.12
CA ALA A 326 27.55 33.13 35.58
C ALA A 326 28.78 32.69 34.77
N LYS A 327 28.70 32.82 33.45
CA LYS A 327 29.85 32.56 32.59
C LYS A 327 31.05 33.42 33.00
N LYS A 328 30.82 34.72 33.22
CA LYS A 328 31.92 35.65 33.52
C LYS A 328 32.53 35.40 34.89
N GLU A 329 31.69 35.19 35.91
CA GLU A 329 32.19 34.89 37.26
C GLU A 329 33.02 33.62 37.30
N LEU A 330 32.64 32.62 36.51
CA LEU A 330 33.37 31.35 36.43
C LEU A 330 34.73 31.57 35.76
N GLU A 331 34.74 32.38 34.71
CA GLU A 331 35.95 32.69 33.99
C GLU A 331 36.95 33.41 34.90
N VAL A 332 36.48 34.37 35.71
CA VAL A 332 37.32 35.11 36.64
C VAL A 332 37.92 34.17 37.69
N PHE A 333 37.10 33.24 38.16
CA PHE A 333 37.50 32.29 39.18
C PHE A 333 38.59 31.40 38.64
N LEU A 334 38.35 30.80 37.48
CA LEU A 334 39.32 29.91 36.86
C LEU A 334 40.65 30.60 36.52
N ASP A 335 40.59 31.88 36.17
CA ASP A 335 41.80 32.62 35.76
C ASP A 335 42.63 33.13 36.93
N THR A 336 41.96 33.50 38.02
CA THR A 336 42.60 34.24 39.12
C THR A 336 42.74 33.48 40.45
N GLN A 337 42.07 32.33 40.56
CA GLN A 337 41.86 31.69 41.85
C GLN A 337 42.48 30.29 41.86
N SER A 338 43.02 29.90 43.00
CA SER A 338 43.88 28.71 43.08
C SER A 338 43.70 28.00 44.43
N ILE A 339 43.81 26.67 44.42
CA ILE A 339 43.62 25.88 45.63
C ILE A 339 44.70 26.15 46.69
N SER A 340 45.89 26.55 46.23
CA SER A 340 47.00 26.90 47.11
C SER A 340 46.93 28.37 47.55
N ALA A 341 47.69 28.83 48.39
N MET B 1 13.21 6.71 -14.21
CA MET B 1 11.90 6.39 -13.59
C MET B 1 10.91 6.00 -14.70
N LYS B 2 9.73 5.56 -14.28
CA LYS B 2 8.70 5.15 -15.23
C LYS B 2 7.32 5.19 -14.57
N ARG B 3 6.29 4.92 -15.37
CA ARG B 3 4.95 4.69 -14.85
C ARG B 3 4.37 3.41 -15.43
N ASP B 4 3.59 2.71 -14.62
CA ASP B 4 2.95 1.46 -15.03
C ASP B 4 1.43 1.68 -15.24
N TYR B 5 0.78 0.68 -15.85
CA TYR B 5 -0.68 0.61 -15.93
C TYR B 5 -1.10 -0.78 -15.49
N VAL B 6 -1.17 -0.95 -14.16
CA VAL B 6 -1.46 -2.23 -13.52
C VAL B 6 -2.88 -2.22 -12.96
N THR B 7 -3.30 -1.06 -12.47
CA THR B 7 -4.66 -0.86 -12.00
C THR B 7 -5.05 0.61 -12.20
N THR B 8 -6.31 0.86 -12.51
CA THR B 8 -6.80 2.24 -12.57
C THR B 8 -6.92 2.88 -11.19
N GLU B 9 -6.70 2.10 -10.13
CA GLU B 9 -6.60 2.64 -8.78
C GLU B 9 -5.52 3.71 -8.62
N THR B 10 -4.52 3.73 -9.50
CA THR B 10 -3.45 4.73 -9.45
C THR B 10 -3.69 5.88 -10.45
N TYR B 11 -4.90 5.95 -11.04
CA TYR B 11 -5.23 6.98 -12.01
C TYR B 11 -6.48 7.80 -11.58
N THR B 12 -6.37 9.12 -11.66
CA THR B 12 -7.49 10.01 -11.39
C THR B 12 -8.47 10.01 -12.56
N LYS B 13 -9.68 10.51 -12.31
CA LYS B 13 -10.68 10.70 -13.36
C LYS B 13 -10.11 11.55 -14.51
N GLU B 14 -9.41 12.62 -14.15
CA GLU B 14 -8.86 13.55 -15.15
C GLU B 14 -7.80 12.86 -16.01
N GLU B 15 -7.06 11.92 -15.42
CA GLU B 15 -6.07 11.16 -16.17
C GLU B 15 -6.73 10.18 -17.14
N MET B 16 -7.77 9.49 -16.69
CA MET B 16 -8.49 8.56 -17.54
C MET B 16 -9.13 9.29 -18.71
N HIS B 17 -9.61 10.51 -18.44
CA HIS B 17 -10.19 11.36 -19.47
C HIS B 17 -9.15 11.67 -20.56
N TYR B 18 -7.94 12.01 -20.15
CA TYR B 18 -6.87 12.25 -21.11
C TYR B 18 -6.58 11.01 -21.94
N LEU B 19 -6.55 9.85 -21.29
CA LEU B 19 -6.28 8.59 -21.99
C LEU B 19 -7.38 8.27 -22.99
N VAL B 20 -8.62 8.57 -22.64
CA VAL B 20 -9.73 8.40 -23.56
C VAL B 20 -9.55 9.28 -24.80
N ASP B 21 -9.36 10.59 -24.61
CA ASP B 21 -9.22 11.52 -25.74
C ASP B 21 -8.01 11.19 -26.61
N LEU B 22 -6.89 10.82 -26.00
CA LEU B 22 -5.71 10.42 -26.75
C LEU B 22 -6.05 9.24 -27.66
N SER B 23 -6.65 8.23 -27.06
CA SER B 23 -7.02 7.02 -27.78
C SER B 23 -7.97 7.31 -28.93
N LEU B 24 -8.99 8.13 -28.67
CA LEU B 24 -9.98 8.46 -29.68
C LEU B 24 -9.37 9.25 -30.86
N LYS B 25 -8.41 10.13 -30.57
CA LYS B 25 -7.78 10.92 -31.63
C LYS B 25 -6.86 10.06 -32.50
N ILE B 26 -6.18 9.09 -31.89
CA ILE B 26 -5.37 8.15 -32.67
C ILE B 26 -6.29 7.27 -33.53
N LYS B 27 -7.42 6.85 -32.96
CA LYS B 27 -8.40 6.04 -33.69
C LYS B 27 -8.89 6.76 -34.95
N GLU B 28 -9.21 8.03 -34.82
CA GLU B 28 -9.78 8.78 -35.94
C GLU B 28 -8.77 8.94 -37.08
N ALA B 29 -7.51 9.10 -36.71
CA ALA B 29 -6.44 9.14 -37.69
C ALA B 29 -6.38 7.83 -38.46
N ILE B 30 -6.29 6.72 -37.74
CA ILE B 30 -6.11 5.39 -38.35
C ILE B 30 -7.33 4.96 -39.13
N LYS B 31 -8.52 5.23 -38.60
CA LYS B 31 -9.77 4.95 -39.31
C LYS B 31 -9.79 5.60 -40.71
N ASN B 32 -9.18 6.78 -40.83
CA ASN B 32 -9.13 7.51 -42.09
C ASN B 32 -7.82 7.37 -42.86
N GLY B 33 -6.98 6.43 -42.44
CA GLY B 33 -5.83 6.01 -43.22
C GLY B 33 -4.54 6.76 -42.94
N TYR B 34 -4.49 7.53 -41.86
CA TYR B 34 -3.22 8.08 -41.39
C TYR B 34 -2.72 7.32 -40.17
N TYR B 35 -1.57 6.68 -40.32
CA TYR B 35 -0.96 5.88 -39.27
C TYR B 35 0.17 6.68 -38.62
N PRO B 36 -0.06 7.20 -37.40
CA PRO B 36 0.97 8.02 -36.76
C PRO B 36 2.14 7.21 -36.23
N GLN B 37 3.34 7.52 -36.72
CA GLN B 37 4.54 6.74 -36.39
C GLN B 37 5.17 7.23 -35.07
N LEU B 38 4.46 6.92 -33.97
CA LEU B 38 4.79 7.43 -32.65
C LEU B 38 5.71 6.51 -31.83
N LEU B 39 5.90 5.29 -32.28
CA LEU B 39 6.74 4.32 -31.59
C LEU B 39 7.80 3.69 -32.49
N LYS B 40 8.40 4.49 -33.37
CA LYS B 40 9.33 3.98 -34.37
C LYS B 40 10.44 3.14 -33.72
N ASN B 41 10.60 1.93 -34.24
CA ASN B 41 11.67 1.02 -33.81
C ASN B 41 11.59 0.60 -32.34
N LYS B 42 10.42 0.75 -31.73
CA LYS B 42 10.26 0.37 -30.33
C LYS B 42 9.75 -1.06 -30.25
N SER B 43 10.16 -1.75 -29.20
CA SER B 43 9.84 -3.15 -29.01
C SER B 43 9.02 -3.37 -27.74
N LEU B 44 7.92 -4.11 -27.89
CA LEU B 44 7.04 -4.49 -26.80
C LEU B 44 7.14 -6.00 -26.53
N GLY B 45 7.42 -6.37 -25.29
CA GLY B 45 7.40 -7.75 -24.86
C GLY B 45 5.99 -8.06 -24.37
N MET B 46 5.43 -9.18 -24.85
CA MET B 46 4.08 -9.57 -24.46
C MET B 46 4.14 -10.94 -23.82
N ILE B 47 4.02 -11.01 -22.50
CA ILE B 47 4.01 -12.31 -21.82
C ILE B 47 2.57 -12.77 -21.61
N PHE B 48 2.19 -13.89 -22.23
CA PHE B 48 0.85 -14.43 -22.05
C PHE B 48 0.88 -15.78 -21.33
N GLN B 49 0.34 -15.82 -20.11
CA GLN B 49 0.18 -17.09 -19.33
C GLN B 49 -1.16 -17.76 -19.62
N GLN B 50 -2.06 -17.04 -20.30
CA GLN B 50 -3.38 -17.55 -20.66
C GLN B 50 -3.72 -17.19 -22.12
N SER B 51 -4.73 -17.84 -22.66
CA SER B 51 -5.21 -17.59 -24.01
C SER B 51 -5.76 -16.18 -24.15
N SER B 52 -5.67 -15.65 -25.36
CA SER B 52 -6.16 -14.31 -25.65
C SER B 52 -6.26 -14.10 -27.15
N THR B 53 -7.33 -13.44 -27.59
CA THR B 53 -7.46 -13.01 -28.95
C THR B 53 -7.43 -11.48 -29.08
N ARG B 54 -8.32 -10.79 -28.38
CA ARG B 54 -8.40 -9.33 -28.43
C ARG B 54 -7.20 -8.63 -27.84
N THR B 55 -6.80 -9.03 -26.63
CA THR B 55 -5.72 -8.33 -25.93
C THR B 55 -4.41 -8.51 -26.67
N ARG B 56 -4.10 -9.75 -27.02
CA ARG B 56 -2.85 -10.06 -27.70
C ARG B 56 -2.76 -9.39 -29.06
N VAL B 57 -3.80 -9.58 -29.88
CA VAL B 57 -3.80 -9.04 -31.23
C VAL B 57 -3.82 -7.51 -31.20
N SER B 58 -4.51 -6.93 -30.23
CA SER B 58 -4.51 -5.47 -30.08
C SER B 58 -3.10 -4.96 -29.83
N PHE B 59 -2.38 -5.58 -28.90
CA PHE B 59 -1.01 -5.15 -28.63
C PHE B 59 -0.13 -5.29 -29.86
N GLU B 60 -0.26 -6.40 -30.58
CA GLU B 60 0.64 -6.67 -31.70
C GLU B 60 0.31 -5.78 -32.91
N THR B 61 -0.98 -5.60 -33.19
CA THR B 61 -1.40 -4.68 -34.25
C THR B 61 -1.02 -3.23 -33.91
N ALA B 62 -1.27 -2.82 -32.66
CA ALA B 62 -1.00 -1.45 -32.23
C ALA B 62 0.46 -1.07 -32.49
N MET B 63 1.38 -1.95 -32.09
CA MET B 63 2.79 -1.69 -32.29
C MET B 63 3.09 -1.48 -33.77
N GLU B 64 2.55 -2.35 -34.63
CA GLU B 64 2.80 -2.20 -36.06
C GLU B 64 2.24 -0.90 -36.62
N GLN B 65 1.05 -0.53 -36.16
CA GLN B 65 0.40 0.68 -36.66
C GLN B 65 1.16 1.94 -36.27
N LEU B 66 1.83 1.88 -35.13
CA LEU B 66 2.57 3.01 -34.59
C LEU B 66 4.07 2.97 -34.92
N GLY B 67 4.50 1.97 -35.70
CA GLY B 67 5.86 1.95 -36.23
C GLY B 67 6.86 1.11 -35.46
N GLY B 68 6.34 0.29 -34.56
CA GLY B 68 7.11 -0.59 -33.68
C GLY B 68 6.81 -2.06 -33.88
N HIS B 69 7.04 -2.86 -32.85
CA HIS B 69 6.83 -4.29 -32.93
C HIS B 69 6.56 -4.94 -31.58
N GLY B 70 5.64 -5.89 -31.58
CA GLY B 70 5.28 -6.67 -30.40
C GLY B 70 5.80 -8.10 -30.49
N GLU B 71 6.41 -8.59 -29.42
CA GLU B 71 6.99 -9.95 -29.38
C GLU B 71 6.13 -10.85 -28.50
N TYR B 72 5.59 -11.93 -29.08
CA TYR B 72 4.72 -12.85 -28.34
C TYR B 72 5.53 -13.88 -27.55
N LEU B 73 5.68 -13.64 -26.27
CA LEU B 73 6.56 -14.43 -25.41
C LEU B 73 5.73 -15.44 -24.62
N ALA B 74 5.52 -16.61 -25.22
CA ALA B 74 4.58 -17.60 -24.68
C ALA B 74 5.17 -18.40 -23.52
N PRO B 75 4.31 -19.14 -22.80
CA PRO B 75 4.84 -19.96 -21.68
C PRO B 75 5.68 -21.10 -22.22
N GLY B 76 6.83 -21.33 -21.62
CA GLY B 76 7.67 -22.44 -22.04
C GLY B 76 8.56 -22.11 -23.24
N GLN B 77 8.20 -21.09 -24.01
CA GLN B 77 9.10 -20.57 -25.06
C GLN B 77 10.24 -19.82 -24.37
N ILE B 78 9.90 -19.03 -23.35
CA ILE B 78 10.91 -18.27 -22.60
C ILE B 78 11.34 -19.00 -21.34
N GLN B 79 12.36 -18.50 -20.66
CA GLN B 79 12.97 -19.22 -19.55
C GLN B 79 12.18 -19.12 -18.25
N LEU B 80 11.26 -18.16 -18.20
CA LEU B 80 10.38 -17.99 -17.03
C LEU B 80 9.64 -19.28 -16.70
N GLY B 81 9.72 -19.69 -15.43
CA GLY B 81 9.17 -20.97 -14.96
C GLY B 81 10.18 -21.64 -14.05
N GLY B 82 10.44 -22.93 -14.28
CA GLY B 82 11.41 -23.66 -13.49
C GLY B 82 12.80 -23.04 -13.52
N HIS B 83 13.19 -22.54 -14.70
CA HIS B 83 14.55 -22.02 -14.93
C HIS B 83 14.78 -20.61 -14.42
N GLU B 84 13.72 -19.80 -14.33
CA GLU B 84 13.91 -18.39 -13.96
C GLU B 84 12.67 -17.75 -13.33
N THR B 85 12.94 -16.82 -12.40
CA THR B 85 11.91 -16.12 -11.65
C THR B 85 11.31 -14.96 -12.44
N ILE B 86 10.18 -14.47 -11.95
CA ILE B 86 9.54 -13.27 -12.48
C ILE B 86 10.48 -12.07 -12.36
N GLU B 87 11.11 -11.95 -11.20
CA GLU B 87 12.00 -10.83 -10.91
C GLU B 87 13.14 -10.75 -11.92
N ASP B 88 13.83 -11.87 -12.13
CA ASP B 88 14.94 -11.89 -13.07
C ASP B 88 14.45 -11.65 -14.49
N THR B 89 13.33 -12.28 -14.86
CA THR B 89 12.72 -12.04 -16.18
C THR B 89 12.49 -10.55 -16.39
N SER B 90 11.95 -9.88 -15.37
CA SER B 90 11.62 -8.46 -15.45
C SER B 90 12.87 -7.60 -15.64
N ARG B 91 13.87 -7.85 -14.80
CA ARG B 91 15.12 -7.09 -14.85
C ARG B 91 15.84 -7.26 -16.19
N VAL B 92 15.80 -8.47 -16.73
CA VAL B 92 16.46 -8.77 -18.00
C VAL B 92 15.68 -8.17 -19.18
N LEU B 93 14.37 -8.35 -19.18
CA LEU B 93 13.57 -7.80 -20.28
C LEU B 93 13.65 -6.28 -20.31
N SER B 94 13.86 -5.66 -19.14
CA SER B 94 14.05 -4.21 -19.06
C SER B 94 15.26 -3.71 -19.86
N ARG B 95 16.23 -4.61 -20.10
CA ARG B 95 17.40 -4.29 -20.93
C ARG B 95 17.18 -4.60 -22.42
N LEU B 96 16.17 -5.40 -22.73
CA LEU B 96 16.00 -5.99 -24.07
C LEU B 96 14.75 -5.54 -24.84
N VAL B 97 13.81 -4.89 -24.17
CA VAL B 97 12.67 -4.28 -24.84
C VAL B 97 12.40 -2.93 -24.19
N ASP B 98 11.51 -2.14 -24.80
CA ASP B 98 11.24 -0.77 -24.34
C ASP B 98 10.00 -0.68 -23.47
N ILE B 99 9.11 -1.67 -23.58
CA ILE B 99 7.87 -1.65 -22.83
C ILE B 99 7.37 -3.09 -22.75
N LEU B 100 6.67 -3.41 -21.66
CA LEU B 100 6.34 -4.80 -21.38
C LEU B 100 4.87 -4.92 -20.98
N MET B 101 4.22 -6.00 -21.41
CA MET B 101 2.88 -6.32 -20.91
C MET B 101 2.79 -7.82 -20.58
N ALA B 102 1.79 -8.18 -19.77
CA ALA B 102 1.60 -9.57 -19.40
C ALA B 102 0.19 -9.86 -18.96
N ARG B 103 -0.37 -10.94 -19.49
CA ARG B 103 -1.57 -11.54 -18.96
C ARG B 103 -1.09 -12.64 -18.01
N VAL B 104 -1.56 -12.59 -16.77
CA VAL B 104 -1.07 -13.47 -15.72
C VAL B 104 -2.18 -14.24 -15.05
N GLU B 105 -1.82 -15.41 -14.55
CA GLU B 105 -2.73 -16.26 -13.79
C GLU B 105 -3.02 -15.67 -12.40
N ARG B 106 -1.97 -15.12 -11.78
CA ARG B 106 -2.06 -14.52 -10.46
C ARG B 106 -1.60 -13.07 -10.49
N HIS B 107 -2.34 -12.20 -9.82
CA HIS B 107 -2.05 -10.77 -9.82
C HIS B 107 -0.64 -10.44 -9.33
N HIS B 108 -0.15 -11.17 -8.34
CA HIS B 108 1.17 -10.88 -7.82
C HIS B 108 2.25 -10.94 -8.89
N SER B 109 2.04 -11.78 -9.90
CA SER B 109 2.97 -11.86 -11.02
C SER B 109 3.07 -10.53 -11.77
N ILE B 110 1.93 -9.91 -12.08
CA ILE B 110 1.98 -8.64 -12.80
C ILE B 110 2.54 -7.50 -11.91
N VAL B 111 2.21 -7.51 -10.62
CA VAL B 111 2.74 -6.52 -9.68
C VAL B 111 4.27 -6.62 -9.59
N ASP B 112 4.77 -7.84 -9.41
CA ASP B 112 6.21 -8.06 -9.31
C ASP B 112 6.94 -7.73 -10.62
N LEU B 113 6.34 -8.10 -11.74
CA LEU B 113 6.86 -7.71 -13.04
C LEU B 113 7.00 -6.19 -13.14
N ALA B 114 5.97 -5.46 -12.70
CA ALA B 114 6.00 -4.00 -12.70
C ALA B 114 7.08 -3.45 -11.75
N ASN B 115 7.09 -3.92 -10.51
CA ASN B 115 8.00 -3.39 -9.50
C ASN B 115 9.49 -3.65 -9.82
N CYS B 116 9.78 -4.73 -10.53
CA CYS B 116 11.16 -5.08 -10.82
C CYS B 116 11.67 -4.53 -12.15
N ALA B 117 10.77 -3.96 -12.95
CA ALA B 117 11.12 -3.45 -14.28
C ALA B 117 11.42 -1.95 -14.23
N THR B 118 12.43 -1.52 -14.99
CA THR B 118 12.74 -0.11 -15.13
C THR B 118 12.01 0.47 -16.34
N ILE B 119 11.22 -0.34 -17.03
CA ILE B 119 10.44 0.11 -18.18
C ILE B 119 8.96 0.05 -17.83
N PRO B 120 8.10 0.69 -18.62
CA PRO B 120 6.68 0.63 -18.29
C PRO B 120 6.13 -0.77 -18.47
N VAL B 121 5.25 -1.17 -17.55
CA VAL B 121 4.60 -2.47 -17.60
C VAL B 121 3.09 -2.28 -17.58
N ILE B 122 2.40 -3.03 -18.45
CA ILE B 122 0.96 -2.97 -18.59
C ILE B 122 0.34 -4.31 -18.20
N ASN B 123 -0.73 -4.27 -17.40
CA ASN B 123 -1.49 -5.44 -17.00
C ASN B 123 -2.53 -5.81 -18.09
N GLY B 124 -2.29 -6.94 -18.74
CA GLY B 124 -3.18 -7.44 -19.80
C GLY B 124 -4.24 -8.41 -19.33
N MET B 125 -4.49 -8.35 -18.02
CA MET B 125 -5.47 -9.12 -17.26
C MET B 125 -4.83 -10.03 -16.20
N SER B 126 -5.47 -10.07 -15.04
CA SER B 126 -5.08 -10.89 -13.92
C SER B 126 -6.35 -11.45 -13.26
N ASP B 127 -6.22 -12.34 -12.30
CA ASP B 127 -7.38 -12.87 -11.57
C ASP B 127 -8.08 -11.78 -10.71
N TYR B 128 -7.45 -10.60 -10.60
CA TYR B 128 -7.97 -9.49 -9.79
C TYR B 128 -8.68 -8.44 -10.64
N ASN B 129 -8.04 -7.99 -11.72
CA ASN B 129 -8.59 -6.90 -12.53
C ASN B 129 -8.18 -6.95 -14.00
N HIS B 130 -8.65 -5.98 -14.78
CA HIS B 130 -8.46 -5.97 -16.24
C HIS B 130 -8.48 -4.51 -16.74
N PRO B 131 -7.41 -3.76 -16.45
CA PRO B 131 -7.42 -2.32 -16.62
C PRO B 131 -7.45 -1.81 -18.08
N THR B 132 -6.88 -2.56 -19.03
CA THR B 132 -7.00 -2.16 -20.44
C THR B 132 -8.44 -2.34 -20.95
N GLN B 133 -9.15 -3.32 -20.39
CA GLN B 133 -10.56 -3.53 -20.69
C GLN B 133 -11.39 -2.33 -20.20
N GLU B 134 -11.01 -1.78 -19.05
CA GLU B 134 -11.67 -0.61 -18.50
C GLU B 134 -11.60 0.56 -19.46
N LEU B 135 -10.41 0.87 -19.95
CA LEU B 135 -10.23 2.02 -20.82
C LEU B 135 -10.98 1.83 -22.14
N GLY B 136 -10.86 0.64 -22.72
CA GLY B 136 -11.61 0.30 -23.93
C GLY B 136 -13.11 0.43 -23.74
N ASP B 137 -13.61 -0.08 -22.62
CA ASP B 137 -15.03 0.02 -22.29
C ASP B 137 -15.47 1.46 -22.05
N LEU B 138 -14.61 2.27 -21.44
CA LEU B 138 -14.90 3.69 -21.24
C LEU B 138 -15.04 4.39 -22.59
N CYS B 139 -14.08 4.15 -23.47
CA CYS B 139 -14.12 4.69 -24.83
C CYS B 139 -15.45 4.34 -25.51
N THR B 140 -15.85 3.08 -25.38
CA THR B 140 -17.05 2.57 -26.03
C THR B 140 -18.32 3.27 -25.51
N MET B 141 -18.41 3.45 -24.19
CA MET B 141 -19.56 4.12 -23.57
C MET B 141 -19.60 5.59 -23.95
N VAL B 142 -18.42 6.21 -24.04
CA VAL B 142 -18.33 7.61 -24.50
C VAL B 142 -18.83 7.76 -25.94
N GLU B 143 -18.52 6.79 -26.79
CA GLU B 143 -18.96 6.80 -28.20
C GLU B 143 -20.45 6.45 -28.39
N HIS B 144 -21.06 5.85 -27.37
CA HIS B 144 -22.45 5.39 -27.46
C HIS B 144 -23.38 5.98 -26.42
N LEU B 145 -23.14 7.22 -26.03
CA LEU B 145 -23.95 7.85 -24.98
C LEU B 145 -25.41 7.91 -25.40
N PRO B 146 -26.34 7.69 -24.45
CA PRO B 146 -27.73 7.93 -24.80
C PRO B 146 -27.93 9.41 -25.06
N GLU B 147 -28.76 9.72 -26.05
CA GLU B 147 -29.08 11.10 -26.38
C GLU B 147 -29.55 11.84 -25.13
N GLY B 148 -28.97 13.01 -24.89
CA GLY B 148 -29.36 13.85 -23.76
C GLY B 148 -28.86 13.39 -22.40
N LYS B 149 -27.81 12.56 -22.38
CA LYS B 149 -27.18 12.14 -21.12
C LYS B 149 -25.67 12.37 -21.16
N LYS B 150 -25.14 12.89 -20.06
CA LYS B 150 -23.70 12.92 -19.82
C LYS B 150 -23.26 11.54 -19.32
N LEU B 151 -21.97 11.24 -19.45
CA LEU B 151 -21.42 9.97 -18.97
C LEU B 151 -21.81 9.69 -17.52
N GLU B 152 -21.63 10.68 -16.65
CA GLU B 152 -21.81 10.47 -15.20
C GLU B 152 -23.26 10.30 -14.78
N ASP B 153 -24.20 10.62 -15.69
CA ASP B 153 -25.62 10.37 -15.45
C ASP B 153 -26.05 8.95 -15.84
N CYS B 154 -25.13 8.17 -16.43
CA CYS B 154 -25.48 6.84 -16.94
C CYS B 154 -25.45 5.77 -15.85
N LYS B 155 -26.25 4.74 -16.07
CA LYS B 155 -26.33 3.59 -15.17
C LYS B 155 -25.80 2.36 -15.90
N VAL B 156 -24.80 1.71 -15.30
CA VAL B 156 -24.16 0.55 -15.88
C VAL B 156 -24.41 -0.63 -14.96
N VAL B 157 -25.07 -1.67 -15.47
CA VAL B 157 -25.33 -2.88 -14.70
C VAL B 157 -24.58 -4.06 -15.29
N PHE B 158 -23.72 -4.66 -14.46
CA PHE B 158 -23.05 -5.91 -14.84
C PHE B 158 -23.89 -7.09 -14.34
N VAL B 159 -24.07 -8.09 -15.19
CA VAL B 159 -24.90 -9.24 -14.83
C VAL B 159 -24.07 -10.52 -14.71
N GLY B 160 -24.32 -11.29 -13.66
CA GLY B 160 -23.65 -12.55 -13.46
C GLY B 160 -22.57 -12.65 -12.40
N ASP B 161 -21.46 -13.27 -12.78
CA ASP B 161 -20.38 -13.67 -11.87
C ASP B 161 -19.49 -12.49 -11.50
N ALA B 162 -18.93 -12.52 -10.30
CA ALA B 162 -18.04 -11.46 -9.90
C ALA B 162 -16.65 -11.73 -10.46
N THR B 163 -16.49 -11.54 -11.76
CA THR B 163 -15.21 -11.78 -12.42
C THR B 163 -14.33 -10.56 -12.28
N GLN B 164 -13.07 -10.71 -12.69
CA GLN B 164 -12.15 -9.59 -12.71
C GLN B 164 -12.65 -8.48 -13.62
N VAL B 165 -13.38 -8.83 -14.67
CA VAL B 165 -14.00 -7.82 -15.55
C VAL B 165 -15.16 -7.11 -14.84
N CYS B 166 -16.00 -7.88 -14.15
CA CYS B 166 -17.04 -7.29 -13.30
C CYS B 166 -16.47 -6.18 -12.42
N PHE B 167 -15.40 -6.53 -11.69
CA PHE B 167 -14.80 -5.60 -10.74
C PHE B 167 -14.15 -4.42 -11.45
N SER B 168 -13.45 -4.68 -12.54
CA SER B 168 -12.86 -3.60 -13.32
C SER B 168 -13.92 -2.65 -13.83
N LEU B 169 -15.03 -3.18 -14.31
CA LEU B 169 -16.11 -2.31 -14.78
C LEU B 169 -16.60 -1.42 -13.63
N GLY B 170 -16.71 -2.00 -12.44
CA GLY B 170 -17.01 -1.23 -11.23
C GLY B 170 -15.97 -0.15 -10.90
N LEU B 171 -14.70 -0.51 -10.99
CA LEU B 171 -13.63 0.46 -10.71
C LEU B 171 -13.70 1.65 -11.65
N ILE B 172 -13.80 1.38 -12.96
CA ILE B 172 -13.79 2.46 -13.94
C ILE B 172 -15.06 3.29 -13.89
N THR B 173 -16.22 2.65 -13.79
CA THR B 173 -17.48 3.41 -13.79
C THR B 173 -17.55 4.34 -12.58
N THR B 174 -17.18 3.83 -11.40
CA THR B 174 -17.20 4.66 -10.19
C THR B 174 -16.12 5.73 -10.24
N LYS B 175 -14.97 5.42 -10.84
CA LYS B 175 -13.88 6.40 -10.99
C LYS B 175 -14.36 7.61 -11.77
N MET B 176 -15.16 7.36 -12.81
CA MET B 176 -15.67 8.40 -13.71
C MET B 176 -16.97 9.07 -13.21
N GLY B 177 -17.48 8.65 -12.06
CA GLY B 177 -18.64 9.31 -11.44
C GLY B 177 -19.98 8.76 -11.88
N MET B 178 -19.95 7.58 -12.50
CA MET B 178 -21.13 6.87 -13.00
C MET B 178 -21.84 6.06 -11.92
N ASN B 179 -22.99 5.51 -12.27
CA ASN B 179 -23.76 4.69 -11.33
C ASN B 179 -23.65 3.22 -11.71
N PHE B 180 -23.08 2.42 -10.81
CA PHE B 180 -22.75 1.02 -11.11
C PHE B 180 -23.62 0.05 -10.30
N VAL B 181 -24.00 -1.06 -10.92
CA VAL B 181 -24.65 -2.15 -10.21
C VAL B 181 -24.06 -3.48 -10.63
N HIS B 182 -23.75 -4.31 -9.64
CA HIS B 182 -23.53 -5.74 -9.89
C HIS B 182 -24.78 -6.52 -9.53
N PHE B 183 -25.44 -7.04 -10.56
CA PHE B 183 -26.58 -7.95 -10.38
C PHE B 183 -26.03 -9.37 -10.46
N GLY B 184 -25.91 -10.03 -9.32
CA GLY B 184 -25.30 -11.35 -9.22
C GLY B 184 -25.87 -12.17 -8.06
N PRO B 185 -25.78 -13.50 -8.17
CA PRO B 185 -26.33 -14.37 -7.14
C PRO B 185 -25.46 -14.48 -5.89
N GLU B 186 -26.08 -14.75 -4.76
CA GLU B 186 -25.37 -14.93 -3.50
C GLU B 186 -24.25 -15.95 -3.69
N GLY B 187 -23.08 -15.63 -3.15
CA GLY B 187 -21.90 -16.49 -3.27
C GLY B 187 -21.00 -16.09 -4.43
N PHE B 188 -21.54 -15.37 -5.41
CA PHE B 188 -20.77 -14.96 -6.60
C PHE B 188 -20.84 -13.44 -6.82
N GLN B 189 -21.04 -12.71 -5.72
CA GLN B 189 -21.09 -11.24 -5.76
C GLN B 189 -19.74 -10.64 -5.38
N LEU B 190 -19.51 -9.40 -5.79
CA LEU B 190 -18.32 -8.68 -5.35
C LEU B 190 -18.27 -8.66 -3.82
N ASN B 191 -17.14 -9.06 -3.25
CA ASN B 191 -17.03 -9.19 -1.81
C ASN B 191 -16.86 -7.84 -1.11
N GLU B 192 -16.80 -7.84 0.21
CA GLU B 192 -16.78 -6.58 0.98
C GLU B 192 -15.53 -5.74 0.69
N GLU B 193 -14.38 -6.40 0.57
CA GLU B 193 -13.14 -5.69 0.25
C GLU B 193 -13.26 -4.97 -1.10
N HIS B 194 -13.84 -5.64 -2.08
CA HIS B 194 -14.08 -5.04 -3.39
C HIS B 194 -15.07 -3.88 -3.31
N GLN B 195 -16.14 -4.06 -2.54
CA GLN B 195 -17.14 -3.02 -2.39
C GLN B 195 -16.57 -1.79 -1.68
N ALA B 196 -15.64 -2.00 -0.75
CA ALA B 196 -14.98 -0.89 -0.06
C ALA B 196 -14.18 0.00 -1.02
N LYS B 197 -13.56 -0.64 -2.01
CA LYS B 197 -12.78 0.08 -3.02
C LYS B 197 -13.70 0.88 -3.94
N LEU B 198 -14.89 0.35 -4.20
CA LEU B 198 -15.91 1.06 -4.97
C LEU B 198 -16.45 2.23 -4.17
N ALA B 199 -16.70 2.01 -2.87
CA ALA B 199 -17.18 3.07 -1.99
C ALA B 199 -16.20 4.22 -1.97
N LYS B 200 -14.91 3.89 -1.89
CA LYS B 200 -13.86 4.91 -1.86
C LYS B 200 -13.83 5.72 -3.15
N ASN B 201 -13.99 5.05 -4.30
CA ASN B 201 -14.10 5.76 -5.57
C ASN B 201 -15.29 6.73 -5.58
N CYS B 202 -16.40 6.29 -5.02
CA CYS B 202 -17.63 7.07 -5.01
C CYS B 202 -17.58 8.28 -4.06
N GLU B 203 -16.79 8.20 -2.99
CA GLU B 203 -16.59 9.34 -2.10
C GLU B 203 -16.00 10.54 -2.84
N VAL B 204 -15.06 10.26 -3.74
CA VAL B 204 -14.40 11.30 -4.54
C VAL B 204 -15.27 11.72 -5.75
N SER B 205 -15.87 10.73 -6.41
CA SER B 205 -16.43 10.94 -7.76
C SER B 205 -17.88 11.42 -7.77
N GLY B 206 -18.62 11.10 -6.72
CA GLY B 206 -20.06 11.40 -6.67
C GLY B 206 -20.91 10.33 -7.32
N GLY B 207 -20.27 9.26 -7.80
CA GLY B 207 -20.98 8.13 -8.36
C GLY B 207 -21.63 7.28 -7.29
N SER B 208 -22.19 6.16 -7.71
CA SER B 208 -22.80 5.21 -6.78
C SER B 208 -22.51 3.78 -7.20
N PHE B 209 -22.77 2.85 -6.28
CA PHE B 209 -22.62 1.44 -6.55
C PHE B 209 -23.62 0.63 -5.73
N LEU B 210 -24.08 -0.48 -6.31
CA LEU B 210 -24.94 -1.42 -5.60
C LEU B 210 -24.55 -2.84 -5.98
N VAL B 211 -24.57 -3.74 -4.99
CA VAL B 211 -24.39 -5.18 -5.24
C VAL B 211 -25.64 -5.89 -4.72
N THR B 212 -26.33 -6.62 -5.60
CA THR B 212 -27.65 -7.16 -5.30
C THR B 212 -28.04 -8.37 -6.16
N ASP B 213 -28.95 -9.20 -5.64
CA ASP B 213 -29.52 -10.31 -6.41
C ASP B 213 -30.99 -10.02 -6.82
N ASP B 214 -31.37 -8.75 -6.78
CA ASP B 214 -32.72 -8.32 -7.12
C ASP B 214 -32.83 -8.11 -8.64
N ALA B 215 -33.70 -8.87 -9.29
CA ALA B 215 -33.84 -8.84 -10.75
C ALA B 215 -34.26 -7.47 -11.30
N SER B 216 -34.97 -6.69 -10.48
CA SER B 216 -35.42 -5.35 -10.86
C SER B 216 -34.27 -4.35 -10.99
N SER B 217 -33.10 -4.68 -10.45
CA SER B 217 -31.93 -3.79 -10.50
C SER B 217 -31.47 -3.40 -11.91
N VAL B 218 -31.81 -4.21 -12.92
CA VAL B 218 -31.48 -3.89 -14.31
C VAL B 218 -32.31 -2.74 -14.88
N GLU B 219 -33.47 -2.47 -14.28
CA GLU B 219 -34.36 -1.42 -14.78
C GLU B 219 -33.66 -0.06 -14.77
N GLY B 220 -33.66 0.59 -15.93
CA GLY B 220 -33.06 1.91 -16.10
C GLY B 220 -31.62 1.92 -16.61
N ALA B 221 -31.02 0.72 -16.73
CA ALA B 221 -29.65 0.60 -17.20
C ALA B 221 -29.50 1.26 -18.56
N ASP B 222 -28.43 2.03 -18.75
CA ASP B 222 -28.07 2.56 -20.06
C ASP B 222 -27.14 1.60 -20.78
N PHE B 223 -26.34 0.87 -20.00
CA PHE B 223 -25.47 -0.18 -20.48
C PHE B 223 -25.64 -1.41 -19.60
N LEU B 224 -25.92 -2.54 -20.23
CA LEU B 224 -26.08 -3.82 -19.54
C LEU B 224 -24.92 -4.68 -20.04
N TYR B 225 -24.09 -5.14 -19.11
CA TYR B 225 -22.80 -5.76 -19.43
C TYR B 225 -22.80 -7.16 -18.81
N THR B 226 -22.19 -8.11 -19.50
CA THR B 226 -22.06 -9.48 -19.00
C THR B 226 -20.73 -10.17 -19.36
N ASP B 227 -20.48 -11.32 -18.74
CA ASP B 227 -19.24 -12.08 -18.91
C ASP B 227 -19.59 -13.55 -18.74
N VAL B 228 -18.65 -14.42 -19.08
CA VAL B 228 -18.83 -15.87 -18.95
C VAL B 228 -19.02 -16.31 -17.51
N TRP B 229 -19.49 -17.54 -17.34
CA TRP B 229 -19.80 -18.09 -16.02
C TRP B 229 -18.79 -19.15 -15.54
N TYR B 230 -17.83 -19.53 -16.39
CA TYR B 230 -16.92 -20.64 -16.06
C TYR B 230 -15.72 -20.25 -15.19
N GLY B 231 -15.63 -18.99 -14.77
CA GLY B 231 -14.64 -18.58 -13.75
C GLY B 231 -13.20 -18.42 -14.22
N LEU B 232 -12.26 -18.88 -13.39
CA LEU B 232 -10.84 -18.77 -13.71
C LEU B 232 -10.39 -19.90 -14.61
N TYR B 233 -9.50 -19.60 -15.55
CA TYR B 233 -9.12 -20.53 -16.62
C TYR B 233 -8.42 -21.81 -16.11
N GLU B 234 -7.59 -21.67 -15.08
CA GLU B 234 -6.84 -22.81 -14.53
C GLU B 234 -7.72 -23.79 -13.72
N ALA B 235 -8.91 -23.33 -13.33
CA ALA B 235 -9.83 -24.12 -12.50
C ALA B 235 -11.25 -23.75 -12.86
N GLU B 236 -11.67 -24.06 -14.08
CA GLU B 236 -12.97 -23.63 -14.56
C GLU B 236 -14.10 -24.36 -13.84
N LEU B 237 -15.21 -23.66 -13.69
CA LEU B 237 -16.43 -24.24 -13.16
C LEU B 237 -17.13 -25.04 -14.26
N SER B 238 -17.55 -26.26 -13.95
CA SER B 238 -18.17 -27.17 -14.92
C SER B 238 -19.52 -26.65 -15.44
N GLU B 239 -19.90 -27.08 -16.65
CA GLU B 239 -21.16 -26.61 -17.24
C GLU B 239 -22.33 -26.94 -16.33
N GLU B 240 -22.34 -28.15 -15.79
CA GLU B 240 -23.34 -28.54 -14.81
C GLU B 240 -23.40 -27.51 -13.69
N GLU B 241 -22.24 -27.21 -13.10
CA GLU B 241 -22.18 -26.41 -11.89
C GLU B 241 -22.57 -24.96 -12.13
N ARG B 242 -22.07 -24.38 -13.22
CA ARG B 242 -22.36 -22.97 -13.53
C ARG B 242 -23.79 -22.73 -14.06
N MET B 243 -24.35 -23.68 -14.79
CA MET B 243 -25.76 -23.54 -15.21
C MET B 243 -26.68 -23.56 -13.99
N LYS B 244 -26.34 -24.41 -13.02
CA LYS B 244 -27.05 -24.52 -11.76
C LYS B 244 -27.05 -23.20 -10.98
N VAL B 245 -25.89 -22.54 -10.94
CA VAL B 245 -25.75 -21.29 -10.21
C VAL B 245 -26.48 -20.14 -10.89
N PHE B 246 -26.27 -19.99 -12.20
CA PHE B 246 -26.66 -18.77 -12.89
C PHE B 246 -27.89 -18.85 -13.81
N TYR B 247 -28.17 -20.04 -14.38
CA TYR B 247 -29.23 -20.18 -15.39
C TYR B 247 -30.55 -20.61 -14.74
N PRO B 248 -31.68 -20.01 -15.16
CA PRO B 248 -31.86 -18.97 -16.19
C PRO B 248 -31.86 -17.52 -15.69
N LYS B 249 -31.86 -17.32 -14.37
CA LYS B 249 -32.02 -15.98 -13.81
C LYS B 249 -31.05 -14.95 -14.42
N TYR B 250 -29.78 -15.32 -14.57
CA TYR B 250 -28.74 -14.38 -14.99
C TYR B 250 -28.34 -14.45 -16.47
N GLN B 251 -29.07 -15.21 -17.28
CA GLN B 251 -28.89 -15.15 -18.73
C GLN B 251 -29.43 -13.82 -19.26
N VAL B 252 -28.59 -13.06 -19.97
CA VAL B 252 -29.05 -11.85 -20.65
C VAL B 252 -29.74 -12.24 -21.95
N ASN B 253 -31.08 -12.17 -21.92
CA ASN B 253 -31.93 -12.45 -23.08
C ASN B 253 -32.72 -11.19 -23.43
N GLN B 254 -33.54 -11.25 -24.47
CA GLN B 254 -34.24 -10.04 -24.91
C GLN B 254 -35.17 -9.51 -23.81
N GLU B 255 -35.74 -10.42 -23.02
CA GLU B 255 -36.61 -10.06 -21.92
C GLU B 255 -35.91 -9.17 -20.89
N MET B 256 -34.64 -9.47 -20.60
CA MET B 256 -33.86 -8.67 -19.65
C MET B 256 -33.45 -7.34 -20.27
N MET B 257 -33.08 -7.36 -21.56
CA MET B 257 -32.77 -6.13 -22.27
C MET B 257 -34.00 -5.21 -22.34
N ASP B 258 -35.16 -5.77 -22.65
CA ASP B 258 -36.41 -4.99 -22.67
C ASP B 258 -36.75 -4.46 -21.28
N ARG B 259 -36.52 -5.27 -20.25
CA ARG B 259 -36.75 -4.85 -18.88
C ARG B 259 -35.84 -3.68 -18.52
N ALA B 260 -34.57 -3.74 -18.93
CA ALA B 260 -33.64 -2.64 -18.69
C ALA B 260 -34.11 -1.36 -19.39
N GLY B 261 -34.50 -1.48 -20.66
CA GLY B 261 -34.99 -0.34 -21.45
C GLY B 261 -34.79 -0.58 -22.95
N ALA B 262 -35.70 -0.04 -23.76
CA ALA B 262 -35.63 -0.22 -25.21
C ALA B 262 -34.32 0.33 -25.82
N ASN B 263 -33.76 1.38 -25.22
CA ASN B 263 -32.49 1.97 -25.71
C ASN B 263 -31.25 1.51 -24.95
N CYS B 264 -31.40 0.55 -24.03
CA CYS B 264 -30.24 0.01 -23.32
C CYS B 264 -29.30 -0.74 -24.26
N LYS B 265 -28.01 -0.46 -24.15
CA LYS B 265 -26.99 -1.08 -24.98
C LYS B 265 -26.45 -2.33 -24.30
N PHE B 266 -25.96 -3.28 -25.09
CA PHE B 266 -25.39 -4.51 -24.54
C PHE B 266 -23.89 -4.58 -24.74
N MET B 267 -23.19 -5.01 -23.70
CA MET B 267 -21.73 -5.05 -23.68
C MET B 267 -21.27 -6.39 -23.12
N HIS B 268 -20.08 -6.79 -23.52
CA HIS B 268 -19.54 -8.09 -23.18
C HIS B 268 -18.05 -8.06 -23.56
N CYS B 269 -17.18 -8.30 -22.60
CA CYS B 269 -15.74 -8.26 -22.89
C CYS B 269 -15.34 -9.26 -23.99
N LEU B 270 -16.10 -10.34 -24.12
CA LEU B 270 -15.78 -11.47 -25.00
C LEU B 270 -14.54 -12.18 -24.45
N PRO B 271 -14.34 -13.46 -24.81
CA PRO B 271 -15.20 -14.30 -25.62
C PRO B 271 -16.49 -14.66 -24.89
N ALA B 272 -17.55 -14.89 -25.65
CA ALA B 272 -18.85 -15.20 -25.11
C ALA B 272 -19.15 -16.68 -25.30
N THR B 273 -19.89 -17.24 -24.36
CA THR B 273 -20.45 -18.56 -24.51
C THR B 273 -21.93 -18.40 -24.81
N ARG B 274 -22.23 -18.38 -26.10
CA ARG B 274 -23.62 -18.23 -26.56
C ARG B 274 -24.49 -19.33 -26.02
N GLY B 275 -25.68 -18.96 -25.56
CA GLY B 275 -26.61 -19.88 -24.95
C GLY B 275 -26.48 -20.03 -23.45
N GLU B 276 -25.52 -19.32 -22.85
CA GLU B 276 -25.38 -19.33 -21.40
C GLU B 276 -25.65 -17.95 -20.81
N GLU B 277 -24.59 -17.16 -20.69
CA GLU B 277 -24.69 -15.80 -20.18
C GLU B 277 -25.54 -14.90 -21.08
N VAL B 278 -25.41 -15.11 -22.39
CA VAL B 278 -26.09 -14.28 -23.37
C VAL B 278 -26.69 -15.14 -24.49
N THR B 279 -27.82 -14.70 -25.02
CA THR B 279 -28.43 -15.36 -26.17
C THR B 279 -27.93 -14.74 -27.47
N ASP B 280 -28.02 -15.53 -28.54
CA ASP B 280 -27.67 -15.09 -29.89
C ASP B 280 -28.39 -13.78 -30.27
N GLU B 281 -29.69 -13.74 -30.00
CA GLU B 281 -30.54 -12.57 -30.28
C GLU B 281 -29.99 -11.27 -29.68
N VAL B 282 -29.57 -11.32 -28.41
CA VAL B 282 -29.04 -10.14 -27.73
C VAL B 282 -27.65 -9.75 -28.28
N ILE B 283 -26.73 -10.71 -28.36
CA ILE B 283 -25.35 -10.38 -28.76
C ILE B 283 -25.26 -9.88 -30.20
N ASP B 284 -26.15 -10.38 -31.07
CA ASP B 284 -26.17 -10.03 -32.49
C ASP B 284 -27.16 -8.92 -32.85
N GLY B 285 -27.95 -8.46 -31.87
CA GLY B 285 -29.00 -7.45 -32.11
C GLY B 285 -28.49 -6.04 -32.37
N LYS B 286 -29.38 -5.14 -32.78
CA LYS B 286 -28.98 -3.78 -33.16
C LYS B 286 -28.50 -2.93 -31.98
N ASN B 287 -28.89 -3.29 -30.75
CA ASN B 287 -28.38 -2.58 -29.55
C ASN B 287 -27.17 -3.26 -28.88
N SER B 288 -26.59 -4.28 -29.51
CA SER B 288 -25.31 -4.82 -29.07
C SER B 288 -24.20 -3.95 -29.59
N ILE B 289 -23.30 -3.54 -28.69
CA ILE B 289 -22.14 -2.73 -29.06
C ILE B 289 -20.83 -3.43 -28.72
N CYS B 290 -20.89 -4.75 -28.51
CA CYS B 290 -19.74 -5.48 -28.00
C CYS B 290 -18.66 -5.74 -29.04
N PHE B 291 -19.01 -5.62 -30.32
CA PHE B 291 -18.00 -5.70 -31.38
C PHE B 291 -17.28 -4.37 -31.59
N ASP B 292 -18.00 -3.26 -31.48
CA ASP B 292 -17.36 -1.95 -31.34
C ASP B 292 -16.45 -1.94 -30.09
N GLU B 293 -16.94 -2.57 -29.03
CA GLU B 293 -16.20 -2.70 -27.77
C GLU B 293 -14.90 -3.46 -28.00
N ALA B 294 -14.98 -4.54 -28.78
CA ALA B 294 -13.80 -5.35 -29.08
C ALA B 294 -12.81 -4.52 -29.89
N GLU B 295 -13.31 -3.76 -30.87
CA GLU B 295 -12.47 -2.82 -31.59
C GLU B 295 -11.74 -1.85 -30.65
N ASN B 296 -12.44 -1.39 -29.62
CA ASN B 296 -11.87 -0.41 -28.71
C ASN B 296 -10.85 -0.98 -27.72
N ARG B 297 -10.69 -2.30 -27.71
CA ARG B 297 -9.55 -2.88 -27.02
C ARG B 297 -8.27 -2.39 -27.71
N LEU B 298 -8.30 -2.34 -29.04
CA LEU B 298 -7.19 -1.80 -29.83
C LEU B 298 -7.10 -0.29 -29.65
N THR B 299 -8.25 0.39 -29.68
CA THR B 299 -8.27 1.83 -29.51
C THR B 299 -7.54 2.22 -28.23
N SER B 300 -7.93 1.60 -27.13
CA SER B 300 -7.37 1.94 -25.82
C SER B 300 -5.89 1.52 -25.66
N ILE B 301 -5.52 0.36 -26.20
CA ILE B 301 -4.14 -0.08 -26.10
C ILE B 301 -3.17 0.82 -26.88
N ARG B 302 -3.60 1.37 -28.01
CA ARG B 302 -2.76 2.32 -28.74
C ARG B 302 -2.51 3.53 -27.87
N GLY B 303 -3.57 4.05 -27.26
CA GLY B 303 -3.46 5.17 -26.33
C GLY B 303 -2.51 4.91 -25.18
N LEU B 304 -2.64 3.75 -24.54
CA LEU B 304 -1.82 3.42 -23.39
C LEU B 304 -0.36 3.35 -23.79
N LEU B 305 -0.07 2.64 -24.89
CA LEU B 305 1.31 2.49 -25.34
C LEU B 305 1.97 3.85 -25.60
N VAL B 306 1.25 4.72 -26.28
CA VAL B 306 1.76 6.05 -26.60
C VAL B 306 1.99 6.88 -25.33
N TYR B 307 1.04 6.85 -24.38
CA TYR B 307 1.18 7.65 -23.16
C TYR B 307 2.34 7.17 -22.32
N LEU B 308 2.42 5.87 -22.09
CA LEU B 308 3.45 5.34 -21.20
C LEU B 308 4.84 5.56 -21.78
N MET B 309 4.99 5.35 -23.07
CA MET B 309 6.27 5.61 -23.75
C MET B 309 6.66 7.09 -23.80
N ASN B 310 5.70 7.98 -24.05
CA ASN B 310 5.94 9.42 -24.00
C ASN B 310 6.36 9.86 -22.60
N ASP B 311 5.66 9.36 -21.59
CA ASP B 311 6.03 9.65 -20.19
C ASP B 311 7.44 9.17 -19.89
N TYR B 312 7.77 7.96 -20.35
CA TYR B 312 9.10 7.39 -20.13
C TYR B 312 10.17 8.24 -20.79
N GLU B 313 9.88 8.72 -22.00
CA GLU B 313 10.80 9.57 -22.74
C GLU B 313 10.99 10.96 -22.07
N ALA B 314 9.92 11.54 -21.55
CA ALA B 314 10.00 12.81 -20.83
C ALA B 314 10.85 12.68 -19.55
N LYS B 315 10.79 11.51 -18.91
CA LYS B 315 11.55 11.23 -17.70
C LYS B 315 12.99 10.80 -17.99
N ASN B 316 13.23 10.20 -19.15
CA ASN B 316 14.57 9.75 -19.55
C ASN B 316 14.93 10.27 -20.94
N PRO B 317 15.04 11.62 -21.08
CA PRO B 317 15.25 12.21 -22.40
C PRO B 317 16.57 11.78 -23.03
N TYR B 318 16.59 11.68 -24.36
CA TYR B 318 17.80 11.39 -25.08
C TYR B 318 18.63 12.65 -25.09
N ASP B 319 19.94 12.46 -25.09
CA ASP B 319 20.89 13.55 -25.19
C ASP B 319 21.21 13.79 -26.67
N LEU B 320 20.73 14.91 -27.20
CA LEU B 320 20.84 15.18 -28.63
C LEU B 320 22.29 15.30 -29.10
N ILE B 321 23.15 15.89 -28.26
CA ILE B 321 24.57 16.05 -28.61
C ILE B 321 25.23 14.70 -28.76
N LYS B 322 24.97 13.80 -27.81
CA LYS B 322 25.56 12.46 -27.83
C LYS B 322 24.95 11.61 -28.92
N GLN B 323 23.66 11.83 -29.18
CA GLN B 323 22.97 11.18 -30.29
C GLN B 323 23.67 11.46 -31.62
N ALA B 324 23.87 12.75 -31.94
CA ALA B 324 24.56 13.16 -33.17
C ALA B 324 25.99 12.63 -33.24
N GLU B 325 26.68 12.64 -32.09
CA GLU B 325 28.08 12.17 -32.03
C GLU B 325 28.17 10.66 -32.29
N ALA B 326 27.21 9.89 -31.74
CA ALA B 326 27.17 8.45 -31.94
C ALA B 326 26.83 8.07 -33.38
N LYS B 327 25.87 8.79 -33.97
CA LYS B 327 25.51 8.61 -35.37
C LYS B 327 26.69 8.85 -36.30
N LYS B 328 27.43 9.95 -36.09
CA LYS B 328 28.59 10.23 -36.93
C LYS B 328 29.67 9.14 -36.76
N GLU B 329 29.93 8.72 -35.53
CA GLU B 329 30.97 7.70 -35.28
C GLU B 329 30.63 6.36 -35.92
N LEU B 330 29.36 5.99 -35.89
CA LEU B 330 28.90 4.78 -36.54
C LEU B 330 29.03 4.89 -38.07
N GLU B 331 28.66 6.02 -38.63
CA GLU B 331 28.78 6.21 -40.09
C GLU B 331 30.26 6.14 -40.52
N VAL B 332 31.14 6.80 -39.79
CA VAL B 332 32.58 6.72 -40.05
C VAL B 332 33.07 5.28 -39.98
N PHE B 333 32.68 4.58 -38.90
CA PHE B 333 33.07 3.17 -38.72
C PHE B 333 32.63 2.30 -39.89
N LEU B 334 31.35 2.38 -40.27
CA LEU B 334 30.81 1.59 -41.37
C LEU B 334 31.44 1.93 -42.71
N ASP B 335 31.81 3.19 -42.90
CA ASP B 335 32.40 3.67 -44.14
C ASP B 335 33.88 3.30 -44.34
N THR B 336 34.64 3.21 -43.25
CA THR B 336 36.09 3.07 -43.31
C THR B 336 36.64 1.75 -42.76
N GLN B 337 35.99 1.23 -41.73
CA GLN B 337 36.52 0.09 -41.00
C GLN B 337 36.03 -1.23 -41.62
N SER B 338 36.93 -2.20 -41.69
CA SER B 338 36.67 -3.48 -42.37
C SER B 338 37.24 -4.64 -41.56
N ILE B 339 36.43 -5.71 -41.41
CA ILE B 339 36.83 -6.91 -40.65
C ILE B 339 38.11 -7.57 -41.14
N SER B 340 38.38 -7.47 -42.45
CA SER B 340 39.53 -8.10 -43.07
C SER B 340 40.83 -7.32 -42.83
N ALA B 341 41.93 -7.88 -42.94
#